data_1XA1
#
_entry.id   1XA1
#
_cell.length_a   59.876
_cell.length_b   104.893
_cell.length_c   90.273
_cell.angle_alpha   90.00
_cell.angle_beta   107.79
_cell.angle_gamma   90.00
#
_symmetry.space_group_name_H-M   'P 1 21 1'
#
loop_
_entity.id
_entity.type
_entity.pdbx_description
1 polymer 'Regulatory protein blaR1'
2 non-polymer 'PHOSPHATE ION'
3 non-polymer 'PYROPHOSPHATE 2-'
4 water water
#
_entity_poly.entity_id   1
_entity_poly.type   'polypeptide(L)'
_entity_poly.pdbx_seq_one_letter_code
;GQSITDYNYKKPLHNDYQILDKSKIFGSNSGSFVMYSMKKDKYYIYNEKESRKRYSPNSTYKIYLAMFGLDRHIINDENS
RMSWNHKHYPFDAWNKEQDLNTAMQNSVNWYFERISDQIPKNYTATQLKQLNYGNKNLGSYKSYWMEDSLKISNLEQVIV
FKNMMEQNNHFSKKAKNQLSSSLLIKKNEKYELYGKTGTGIVNGKYNNGWFVGYVITNHDKYYFATHLSDGKPSGKNAEL
ISEKILKEMGVLNGQ
;
_entity_poly.pdbx_strand_id   A,B,C,D
#
loop_
_chem_comp.id
_chem_comp.type
_chem_comp.name
_chem_comp.formula
PO4 non-polymer 'PHOSPHATE ION' 'O4 P -3'
POP non-polymer 'PYROPHOSPHATE 2-' 'H2 O7 P2 -2'
#
# COMPACT_ATOMS: atom_id res chain seq x y z
N ASN A 8 -13.46 -29.64 -15.01
CA ASN A 8 -14.32 -29.23 -13.86
C ASN A 8 -14.90 -27.82 -14.01
N TYR A 9 -15.86 -27.49 -13.18
CA TYR A 9 -16.41 -26.16 -13.12
C TYR A 9 -15.53 -25.39 -12.18
N LYS A 10 -14.88 -24.36 -12.68
CA LYS A 10 -13.87 -23.66 -11.88
C LYS A 10 -14.27 -22.24 -11.47
N LYS A 11 -15.37 -21.73 -12.00
CA LYS A 11 -15.77 -20.34 -11.72
C LYS A 11 -15.99 -20.14 -10.21
N PRO A 12 -15.39 -19.09 -9.65
CA PRO A 12 -15.53 -18.80 -8.23
C PRO A 12 -16.99 -18.62 -7.83
N LEU A 13 -17.35 -19.13 -6.67
CA LEU A 13 -18.62 -18.84 -6.04
C LEU A 13 -18.34 -17.71 -5.04
N HIS A 14 -18.89 -16.56 -5.32
CA HIS A 14 -18.68 -15.37 -4.51
C HIS A 14 -19.56 -15.35 -3.24
N ASN A 15 -19.97 -16.51 -2.73
CA ASN A 15 -20.93 -16.61 -1.64
C ASN A 15 -20.28 -17.18 -0.41
N ASP A 16 -20.58 -16.60 0.75
CA ASP A 16 -20.16 -17.18 2.04
C ASP A 16 -21.06 -18.37 2.37
N TYR A 17 -20.78 -19.47 1.69
CA TYR A 17 -21.69 -20.59 1.70
C TYR A 17 -21.47 -21.40 2.97
N GLN A 18 -22.45 -22.23 3.31
CA GLN A 18 -22.36 -23.03 4.51
C GLN A 18 -21.93 -24.41 4.06
N ILE A 19 -20.83 -24.90 4.61
CA ILE A 19 -20.36 -26.27 4.38
C ILE A 19 -21.26 -27.25 5.12
N LEU A 20 -21.52 -28.39 4.49
CA LEU A 20 -22.37 -29.43 5.05
C LEU A 20 -21.60 -30.75 5.14
N ASP A 21 -22.01 -31.58 6.08
CA ASP A 21 -21.58 -32.96 6.14
C ASP A 21 -22.86 -33.81 6.18
N LYS A 22 -23.24 -34.32 5.02
CA LYS A 22 -24.40 -35.19 4.90
C LYS A 22 -23.95 -36.64 4.61
N SER A 23 -22.77 -36.98 5.09
CA SER A 23 -22.21 -38.32 4.87
C SER A 23 -23.12 -39.41 5.42
N LYS A 24 -23.79 -39.15 6.54
CA LYS A 24 -24.65 -40.16 7.16
C LYS A 24 -25.80 -40.52 6.22
N ILE A 25 -26.48 -39.50 5.72
CA ILE A 25 -27.61 -39.74 4.82
C ILE A 25 -27.14 -40.36 3.50
N PHE A 26 -25.97 -39.94 3.02
CA PHE A 26 -25.44 -40.47 1.76
C PHE A 26 -25.06 -41.94 1.89
N GLY A 27 -24.65 -42.35 3.08
CA GLY A 27 -24.34 -43.75 3.34
C GLY A 27 -23.25 -44.25 2.44
N SER A 28 -23.51 -45.38 1.80
CA SER A 28 -22.58 -45.95 0.83
C SER A 28 -22.56 -45.27 -0.55
N ASN A 29 -23.38 -44.24 -0.76
CA ASN A 29 -23.36 -43.47 -2.00
C ASN A 29 -22.34 -42.34 -1.96
N SER A 30 -21.75 -42.05 -3.11
CA SER A 30 -20.84 -40.94 -3.28
C SER A 30 -21.54 -39.90 -4.13
N GLY A 31 -21.19 -38.64 -3.90
CA GLY A 31 -21.75 -37.55 -4.68
C GLY A 31 -21.74 -36.26 -3.88
N SER A 32 -22.70 -35.38 -4.18
CA SER A 32 -22.78 -34.09 -3.55
C SER A 32 -24.20 -33.58 -3.49
N PHE A 33 -24.39 -32.56 -2.66
CA PHE A 33 -25.68 -31.92 -2.49
C PHE A 33 -25.44 -30.43 -2.39
N VAL A 34 -26.23 -29.66 -3.13
CA VAL A 34 -26.15 -28.23 -3.13
C VAL A 34 -27.54 -27.66 -2.94
N MET A 35 -27.66 -26.65 -2.08
CA MET A 35 -28.92 -25.94 -1.89
C MET A 35 -28.66 -24.44 -1.90
N TYR A 36 -29.65 -23.66 -2.31
CA TYR A 36 -29.55 -22.21 -2.28
C TYR A 36 -30.84 -21.63 -1.75
N SER A 37 -30.74 -20.77 -0.73
CA SER A 37 -31.90 -20.08 -0.20
C SER A 37 -32.00 -18.73 -0.89
N MET A 38 -33.17 -18.43 -1.44
CA MET A 38 -33.37 -17.15 -2.10
C MET A 38 -33.31 -16.01 -1.06
N LYS A 39 -33.97 -16.20 0.07
CA LYS A 39 -34.13 -15.12 1.06
C LYS A 39 -32.78 -14.78 1.69
N LYS A 40 -31.94 -15.80 1.92
CA LYS A 40 -30.66 -15.59 2.57
C LYS A 40 -29.52 -15.33 1.62
N ASP A 41 -29.77 -15.53 0.32
CA ASP A 41 -28.72 -15.49 -0.68
C ASP A 41 -27.52 -16.32 -0.23
N LYS A 42 -27.78 -17.59 0.06
CA LYS A 42 -26.79 -18.45 0.66
C LYS A 42 -26.82 -19.84 0.05
N TYR A 43 -25.65 -20.32 -0.35
CA TYR A 43 -25.49 -21.72 -0.77
C TYR A 43 -25.12 -22.56 0.44
N TYR A 44 -25.46 -23.85 0.33
CA TYR A 44 -25.15 -24.88 1.31
C TYR A 44 -24.65 -26.03 0.47
N ILE A 45 -23.45 -26.53 0.75
CA ILE A 45 -22.78 -27.50 -0.11
C ILE A 45 -22.20 -28.64 0.69
N TYR A 46 -22.58 -29.86 0.31
CA TYR A 46 -21.92 -31.08 0.77
C TYR A 46 -20.99 -31.57 -0.35
N ASN A 47 -19.71 -31.72 0.00
CA ASN A 47 -18.67 -32.17 -0.92
C ASN A 47 -18.44 -31.21 -2.07
N GLU A 48 -17.83 -30.08 -1.75
CA GLU A 48 -17.71 -29.00 -2.70
C GLU A 48 -16.88 -29.36 -3.92
N LYS A 49 -15.76 -30.09 -3.74
CA LYS A 49 -14.92 -30.44 -4.90
C LYS A 49 -15.71 -31.29 -5.89
N GLU A 50 -16.41 -32.28 -5.34
CA GLU A 50 -17.27 -33.15 -6.12
C GLU A 50 -18.44 -32.41 -6.77
N SER A 51 -18.95 -31.39 -6.09
CA SER A 51 -20.05 -30.56 -6.63
C SER A 51 -19.63 -29.82 -7.90
N ARG A 52 -18.33 -29.65 -8.11
CA ARG A 52 -17.79 -28.97 -9.28
C ARG A 52 -17.44 -29.90 -10.43
N LYS A 53 -17.53 -31.20 -10.20
CA LYS A 53 -17.29 -32.20 -11.24
C LYS A 53 -18.45 -32.27 -12.25
N ARG A 54 -18.14 -32.28 -13.53
CA ARG A 54 -19.19 -32.25 -14.56
C ARG A 54 -19.59 -33.66 -15.02
N TYR A 55 -20.90 -33.86 -15.12
CA TYR A 55 -21.50 -35.12 -15.54
C TYR A 55 -22.67 -34.89 -16.50
N SER A 56 -23.01 -35.92 -17.26
CA SER A 56 -24.15 -35.81 -18.15
C SER A 56 -25.38 -35.55 -17.31
N PRO A 57 -26.23 -34.63 -17.74
CA PRO A 57 -27.46 -34.30 -17.00
C PRO A 57 -28.57 -35.34 -17.13
N ASN A 58 -28.45 -36.21 -18.14
CA ASN A 58 -29.50 -37.16 -18.44
C ASN A 58 -30.86 -36.45 -18.45
N SER A 59 -31.90 -37.04 -17.88
CA SER A 59 -33.22 -36.47 -18.04
C SER A 59 -33.49 -35.21 -17.25
N THR A 60 -32.56 -34.77 -16.39
CA THR A 60 -32.74 -33.45 -15.79
C THR A 60 -32.75 -32.39 -16.91
N TYR A 61 -32.14 -32.66 -18.07
CA TYR A 61 -32.13 -31.69 -19.17
C TYR A 61 -33.51 -31.52 -19.81
N LYS A 62 -34.44 -32.42 -19.54
CA LYS A 62 -35.82 -32.23 -19.97
C LYS A 62 -36.42 -30.92 -19.43
N ILE A 63 -35.92 -30.42 -18.30
CA ILE A 63 -36.31 -29.09 -17.80
C ILE A 63 -36.05 -28.04 -18.89
N TYR A 64 -34.86 -28.12 -19.46
CA TYR A 64 -34.41 -27.15 -20.44
C TYR A 64 -35.05 -27.35 -21.79
N LEU A 65 -35.16 -28.59 -22.23
CA LEU A 65 -35.93 -28.88 -23.43
C LEU A 65 -37.36 -28.37 -23.34
N ALA A 66 -38.01 -28.57 -22.20
CA ALA A 66 -39.35 -28.02 -22.00
C ALA A 66 -39.36 -26.49 -22.13
N MET A 67 -38.43 -25.81 -21.45
CA MET A 67 -38.34 -24.35 -21.53
C MET A 67 -38.13 -23.89 -22.97
N PHE A 68 -37.24 -24.55 -23.71
CA PHE A 68 -36.95 -24.15 -25.09
C PHE A 68 -38.16 -24.41 -25.97
N GLY A 69 -38.81 -25.55 -25.76
CA GLY A 69 -40.07 -25.87 -26.42
C GLY A 69 -41.13 -24.81 -26.23
N LEU A 70 -41.24 -24.31 -25.00
CA LEU A 70 -42.20 -23.24 -24.69
C LEU A 70 -41.78 -21.91 -25.33
N ASP A 71 -40.50 -21.59 -25.18
CA ASP A 71 -39.95 -20.34 -25.66
C ASP A 71 -40.07 -20.20 -27.18
N ARG A 72 -39.85 -21.33 -27.85
CA ARG A 72 -39.96 -21.41 -29.31
C ARG A 72 -41.38 -21.68 -29.83
N HIS A 73 -42.36 -21.78 -28.93
CA HIS A 73 -43.78 -22.04 -29.26
C HIS A 73 -44.02 -23.39 -29.93
N ILE A 74 -43.12 -24.34 -29.69
CA ILE A 74 -43.37 -25.73 -30.12
C ILE A 74 -44.56 -26.26 -29.34
N ILE A 75 -44.61 -25.88 -28.06
CA ILE A 75 -45.75 -26.14 -27.17
C ILE A 75 -46.14 -24.85 -26.44
N ASN A 76 -47.35 -24.80 -25.93
CA ASN A 76 -47.82 -23.63 -25.21
C ASN A 76 -48.86 -24.00 -24.18
N ASP A 77 -49.38 -23.00 -23.48
CA ASP A 77 -50.33 -23.22 -22.40
C ASP A 77 -51.70 -23.78 -22.85
N GLU A 78 -52.15 -23.46 -24.04
CA GLU A 78 -53.44 -23.95 -24.51
C GLU A 78 -53.29 -25.41 -24.96
N ASN A 79 -52.14 -25.71 -25.56
CA ASN A 79 -51.87 -27.02 -26.13
C ASN A 79 -50.40 -27.42 -26.08
N SER A 80 -50.11 -28.45 -25.29
CA SER A 80 -48.78 -29.05 -25.23
C SER A 80 -48.91 -30.53 -25.49
N ARG A 81 -50.01 -30.92 -26.12
CA ARG A 81 -50.27 -32.32 -26.44
C ARG A 81 -49.49 -32.76 -27.66
N MET A 82 -49.01 -33.99 -27.61
CA MET A 82 -48.45 -34.67 -28.76
C MET A 82 -49.09 -36.04 -28.85
N SER A 83 -49.51 -36.40 -30.05
CA SER A 83 -50.09 -37.71 -30.28
C SER A 83 -49.01 -38.79 -30.24
N TRP A 84 -49.43 -39.94 -29.74
CA TRP A 84 -48.67 -41.18 -29.83
C TRP A 84 -48.71 -41.76 -31.27
N ASN A 85 -47.54 -42.19 -31.80
CA ASN A 85 -47.47 -42.76 -33.15
C ASN A 85 -47.64 -44.29 -33.18
N HIS A 86 -48.09 -44.82 -32.04
CA HIS A 86 -48.37 -46.24 -31.85
C HIS A 86 -47.13 -47.13 -31.64
N LYS A 87 -45.97 -46.54 -31.41
CA LYS A 87 -44.79 -47.31 -31.00
C LYS A 87 -44.92 -47.82 -29.56
N HIS A 88 -44.74 -49.12 -29.39
CA HIS A 88 -44.85 -49.75 -28.07
C HIS A 88 -43.58 -49.55 -27.24
N TYR A 89 -43.78 -49.08 -26.01
CA TYR A 89 -42.76 -48.97 -24.98
C TYR A 89 -43.12 -49.91 -23.83
N PRO A 90 -42.14 -50.27 -23.00
CA PRO A 90 -42.37 -51.21 -21.90
C PRO A 90 -43.17 -50.65 -20.73
N PHE A 91 -43.44 -49.34 -20.69
CA PHE A 91 -44.31 -48.75 -19.68
C PHE A 91 -45.53 -48.18 -20.37
N ASP A 92 -46.73 -48.60 -19.93
CA ASP A 92 -47.95 -48.17 -20.59
C ASP A 92 -48.22 -46.67 -20.47
N ALA A 93 -47.58 -46.01 -19.50
CA ALA A 93 -47.62 -44.56 -19.36
C ALA A 93 -47.04 -43.81 -20.57
N TRP A 94 -46.15 -44.47 -21.31
CA TRP A 94 -45.55 -43.92 -22.53
C TRP A 94 -46.37 -44.22 -23.81
N ASN A 95 -47.28 -45.19 -23.72
CA ASN A 95 -48.07 -45.66 -24.86
C ASN A 95 -49.41 -44.93 -25.02
N LYS A 96 -49.32 -43.62 -25.16
CA LYS A 96 -50.48 -42.76 -25.22
C LYS A 96 -50.04 -41.35 -25.51
N GLU A 97 -51.00 -40.52 -25.87
CA GLU A 97 -50.74 -39.10 -26.04
C GLU A 97 -50.28 -38.52 -24.71
N GLN A 98 -49.49 -37.47 -24.82
CA GLN A 98 -48.90 -36.83 -23.66
C GLN A 98 -49.13 -35.36 -23.75
N ASP A 99 -49.10 -34.70 -22.61
CA ASP A 99 -48.93 -33.26 -22.59
C ASP A 99 -47.69 -32.98 -21.75
N LEU A 100 -47.35 -31.72 -21.59
CA LEU A 100 -46.10 -31.41 -20.89
C LEU A 100 -46.09 -32.03 -19.51
N ASN A 101 -47.22 -31.97 -18.80
CA ASN A 101 -47.25 -32.46 -17.42
C ASN A 101 -47.01 -33.97 -17.33
N THR A 102 -47.68 -34.75 -18.18
CA THR A 102 -47.53 -36.20 -18.11
C THR A 102 -46.19 -36.64 -18.66
N ALA A 103 -45.69 -35.93 -19.67
CA ALA A 103 -44.38 -36.21 -20.25
C ALA A 103 -43.29 -35.97 -19.21
N MET A 104 -43.41 -34.87 -18.47
CA MET A 104 -42.40 -34.53 -17.47
C MET A 104 -42.44 -35.54 -16.32
N GLN A 105 -43.65 -35.79 -15.81
CA GLN A 105 -43.89 -36.73 -14.72
C GLN A 105 -43.35 -38.10 -15.01
N ASN A 106 -43.60 -38.59 -16.23
CA ASN A 106 -43.21 -39.95 -16.57
C ASN A 106 -41.93 -40.00 -17.40
N SER A 107 -41.28 -38.84 -17.54
CA SER A 107 -39.98 -38.71 -18.23
C SER A 107 -40.01 -39.36 -19.62
N VAL A 108 -41.03 -38.97 -20.40
CA VAL A 108 -41.36 -39.64 -21.64
C VAL A 108 -40.43 -39.19 -22.75
N ASN A 109 -39.40 -39.99 -23.02
CA ASN A 109 -38.35 -39.58 -23.94
C ASN A 109 -38.85 -39.11 -25.29
N TRP A 110 -39.82 -39.82 -25.85
CA TRP A 110 -40.21 -39.53 -27.23
C TRP A 110 -40.81 -38.14 -27.36
N TYR A 111 -41.50 -37.69 -26.31
CA TYR A 111 -42.07 -36.36 -26.27
C TYR A 111 -40.95 -35.31 -26.36
N PHE A 112 -39.94 -35.44 -25.50
CA PHE A 112 -38.84 -34.47 -25.47
C PHE A 112 -37.91 -34.58 -26.69
N GLU A 113 -37.79 -35.77 -27.24
CA GLU A 113 -37.05 -35.98 -28.49
C GLU A 113 -37.71 -35.25 -29.64
N ARG A 114 -39.03 -35.25 -29.68
CA ARG A 114 -39.75 -34.56 -30.72
C ARG A 114 -39.57 -33.05 -30.58
N ILE A 115 -39.61 -32.54 -29.36
CA ILE A 115 -39.28 -31.14 -29.12
C ILE A 115 -37.85 -30.87 -29.64
N SER A 116 -36.89 -31.66 -29.18
CA SER A 116 -35.49 -31.42 -29.51
C SER A 116 -35.22 -31.44 -31.02
N ASP A 117 -35.92 -32.34 -31.72
CA ASP A 117 -35.73 -32.51 -33.16
C ASP A 117 -36.19 -31.27 -33.92
N GLN A 118 -37.02 -30.43 -33.28
CA GLN A 118 -37.47 -29.19 -33.86
C GLN A 118 -36.60 -27.98 -33.51
N ILE A 119 -35.60 -28.14 -32.66
CA ILE A 119 -34.79 -27.00 -32.23
C ILE A 119 -33.52 -26.84 -33.03
N PRO A 120 -33.35 -25.70 -33.71
CA PRO A 120 -32.09 -25.43 -34.44
C PRO A 120 -30.90 -25.40 -33.52
N LYS A 121 -29.81 -25.97 -33.97
CA LYS A 121 -28.60 -26.00 -33.18
C LYS A 121 -28.12 -24.60 -32.78
N ASN A 122 -28.28 -23.59 -33.65
CA ASN A 122 -27.83 -22.24 -33.29
C ASN A 122 -28.58 -21.67 -32.08
N TYR A 123 -29.88 -21.96 -32.00
CA TYR A 123 -30.69 -21.50 -30.88
C TYR A 123 -30.24 -22.17 -29.57
N THR A 124 -30.02 -23.49 -29.59
CA THR A 124 -29.58 -24.19 -28.39
C THR A 124 -28.23 -23.65 -27.90
N ALA A 125 -27.27 -23.52 -28.84
CA ALA A 125 -25.95 -22.98 -28.51
C ALA A 125 -26.03 -21.61 -27.85
N THR A 126 -26.89 -20.73 -28.37
CA THR A 126 -27.11 -19.41 -27.81
C THR A 126 -27.65 -19.50 -26.38
N GLN A 127 -28.61 -20.39 -26.16
CA GLN A 127 -29.25 -20.53 -24.85
C GLN A 127 -28.27 -21.08 -23.85
N LEU A 128 -27.50 -22.09 -24.24
CA LEU A 128 -26.56 -22.70 -23.31
C LEU A 128 -25.45 -21.70 -22.96
N LYS A 129 -25.08 -20.85 -23.91
CA LYS A 129 -24.14 -19.77 -23.61
C LYS A 129 -24.71 -18.78 -22.61
N GLN A 130 -25.92 -18.28 -22.86
CA GLN A 130 -26.57 -17.31 -21.99
C GLN A 130 -26.81 -17.89 -20.59
N LEU A 131 -27.20 -19.17 -20.54
CA LEU A 131 -27.54 -19.87 -19.31
C LEU A 131 -26.30 -20.28 -18.54
N ASN A 132 -25.14 -20.25 -19.18
CA ASN A 132 -23.91 -20.83 -18.64
C ASN A 132 -24.09 -22.32 -18.29
N TYR A 133 -24.74 -23.06 -19.18
CA TYR A 133 -25.04 -24.48 -18.93
C TYR A 133 -23.80 -25.37 -19.10
N GLY A 134 -23.07 -25.57 -18.02
CA GLY A 134 -21.95 -26.49 -18.03
C GLY A 134 -20.94 -26.28 -19.13
N ASN A 135 -20.60 -27.37 -19.81
CA ASN A 135 -19.56 -27.35 -20.84
C ASN A 135 -20.07 -26.89 -22.21
N LYS A 136 -21.38 -26.66 -22.29
CA LYS A 136 -22.07 -26.18 -23.48
C LYS A 136 -21.75 -27.03 -24.70
N ASN A 137 -21.43 -28.31 -24.49
CA ASN A 137 -20.89 -29.16 -25.55
C ASN A 137 -21.99 -29.99 -26.15
N LEU A 138 -22.51 -29.54 -27.28
CA LEU A 138 -23.61 -30.18 -27.97
C LEU A 138 -23.20 -31.41 -28.82
N GLY A 139 -21.90 -31.57 -29.05
CA GLY A 139 -21.37 -32.72 -29.76
C GLY A 139 -22.05 -32.98 -31.09
N SER A 140 -22.46 -34.23 -31.33
CA SER A 140 -23.22 -34.61 -32.54
C SER A 140 -24.65 -34.05 -32.56
N TYR A 141 -25.12 -33.53 -31.42
CA TYR A 141 -26.42 -32.86 -31.35
C TYR A 141 -27.58 -33.81 -31.70
N LYS A 142 -27.54 -35.00 -31.13
CA LYS A 142 -28.67 -35.90 -31.26
C LYS A 142 -29.29 -35.95 -29.86
N SER A 143 -29.06 -37.01 -29.11
CA SER A 143 -29.52 -37.08 -27.73
C SER A 143 -28.33 -36.66 -26.85
N TYR A 144 -27.85 -35.45 -27.09
CA TYR A 144 -26.58 -34.96 -26.55
C TYR A 144 -26.58 -34.84 -25.02
N TRP A 145 -27.76 -34.74 -24.42
CA TRP A 145 -27.90 -34.66 -22.96
C TRP A 145 -27.92 -36.04 -22.28
N MET A 146 -27.93 -37.14 -23.03
CA MET A 146 -28.01 -38.48 -22.40
C MET A 146 -26.71 -39.27 -22.52
N GLU A 147 -25.90 -39.24 -21.45
CA GLU A 147 -24.61 -39.90 -21.38
C GLU A 147 -23.76 -39.66 -22.63
N ASP A 148 -23.70 -38.40 -23.04
CA ASP A 148 -23.01 -38.00 -24.27
C ASP A 148 -22.15 -36.78 -24.01
N SER A 149 -22.21 -35.80 -24.90
CA SER A 149 -21.23 -34.71 -24.93
C SER A 149 -21.47 -33.69 -23.84
N LEU A 150 -22.73 -33.38 -23.59
CA LEU A 150 -23.11 -32.28 -22.67
C LEU A 150 -22.95 -32.71 -21.20
N LYS A 151 -22.28 -31.88 -20.42
CA LYS A 151 -21.96 -32.16 -19.02
C LYS A 151 -22.09 -30.91 -18.19
N ILE A 152 -22.57 -31.08 -16.98
CA ILE A 152 -22.79 -29.99 -16.05
C ILE A 152 -22.51 -30.52 -14.64
N SER A 153 -22.03 -29.63 -13.74
CA SER A 153 -21.78 -30.01 -12.37
C SER A 153 -23.03 -29.81 -11.50
N ASN A 154 -23.02 -30.44 -10.34
CA ASN A 154 -24.10 -30.31 -9.38
C ASN A 154 -24.28 -28.87 -8.90
N LEU A 155 -23.17 -28.17 -8.67
CA LEU A 155 -23.19 -26.78 -8.24
C LEU A 155 -23.81 -25.96 -9.36
N GLU A 156 -23.38 -26.17 -10.60
CA GLU A 156 -24.00 -25.50 -11.75
C GLU A 156 -25.48 -25.78 -11.89
N GLN A 157 -25.93 -27.00 -11.62
CA GLN A 157 -27.32 -27.34 -11.81
C GLN A 157 -28.18 -26.39 -10.98
N VAL A 158 -27.71 -26.06 -9.78
CA VAL A 158 -28.44 -25.16 -8.89
C VAL A 158 -28.34 -23.72 -9.40
N ILE A 159 -27.12 -23.25 -9.67
CA ILE A 159 -26.90 -21.86 -10.10
C ILE A 159 -27.69 -21.56 -11.37
N VAL A 160 -27.58 -22.48 -12.32
CA VAL A 160 -28.17 -22.30 -13.66
C VAL A 160 -29.69 -22.32 -13.64
N PHE A 161 -30.28 -23.25 -12.89
CA PHE A 161 -31.74 -23.34 -12.78
C PHE A 161 -32.26 -22.10 -12.07
N LYS A 162 -31.62 -21.74 -10.96
CA LYS A 162 -32.06 -20.62 -10.18
C LYS A 162 -31.99 -19.34 -11.03
N ASN A 163 -30.90 -19.15 -11.76
CA ASN A 163 -30.81 -17.97 -12.61
C ASN A 163 -31.81 -17.97 -13.74
N MET A 164 -32.03 -19.11 -14.38
CA MET A 164 -33.05 -19.18 -15.43
C MET A 164 -34.45 -18.77 -14.90
N MET A 165 -34.84 -19.29 -13.75
CA MET A 165 -36.18 -19.09 -13.25
C MET A 165 -36.33 -17.73 -12.56
N GLU A 166 -35.27 -17.25 -11.94
CA GLU A 166 -35.36 -16.03 -11.12
C GLU A 166 -34.80 -14.79 -11.78
N ASN A 169 -35.14 -12.39 -17.41
CA ASN A 169 -34.43 -12.66 -18.65
C ASN A 169 -35.42 -12.82 -19.83
N HIS A 170 -34.97 -13.39 -20.94
CA HIS A 170 -35.82 -13.44 -22.13
C HIS A 170 -36.89 -14.55 -22.09
N PHE A 171 -36.80 -15.51 -21.17
CA PHE A 171 -37.91 -16.45 -20.99
C PHE A 171 -39.07 -15.76 -20.31
N SER A 172 -40.27 -16.07 -20.78
CA SER A 172 -41.46 -15.39 -20.31
C SER A 172 -41.93 -15.93 -18.98
N LYS A 173 -42.71 -15.12 -18.28
CA LYS A 173 -43.32 -15.56 -17.04
C LYS A 173 -44.26 -16.75 -17.27
N LYS A 174 -45.07 -16.72 -18.33
CA LYS A 174 -45.98 -17.82 -18.61
C LYS A 174 -45.22 -19.10 -18.92
N ALA A 175 -44.08 -19.00 -19.58
CA ALA A 175 -43.25 -20.20 -19.85
C ALA A 175 -42.72 -20.76 -18.53
N LYS A 176 -42.27 -19.89 -17.66
CA LYS A 176 -41.70 -20.31 -16.39
C LYS A 176 -42.78 -20.97 -15.55
N ASN A 177 -43.98 -20.37 -15.53
CA ASN A 177 -45.11 -20.89 -14.80
C ASN A 177 -45.54 -22.27 -15.29
N GLN A 178 -45.63 -22.46 -16.61
CA GLN A 178 -46.05 -23.74 -17.17
C GLN A 178 -44.98 -24.81 -16.89
N LEU A 179 -43.71 -24.43 -16.99
CA LEU A 179 -42.62 -25.34 -16.69
C LEU A 179 -42.68 -25.73 -15.21
N SER A 180 -42.82 -24.74 -14.34
CA SER A 180 -42.91 -25.00 -12.92
C SER A 180 -44.05 -25.98 -12.58
N SER A 181 -45.25 -25.72 -13.11
CA SER A 181 -46.38 -26.61 -12.90
C SER A 181 -46.12 -28.05 -13.30
N SER A 182 -45.35 -28.25 -14.37
CA SER A 182 -44.98 -29.58 -14.82
C SER A 182 -44.02 -30.34 -13.89
N LEU A 183 -43.28 -29.61 -13.06
CA LEU A 183 -42.26 -30.19 -12.16
C LEU A 183 -42.75 -30.42 -10.75
N LEU A 184 -43.99 -30.04 -10.44
CA LEU A 184 -44.53 -30.19 -9.10
C LEU A 184 -44.71 -31.65 -8.75
N ILE A 185 -44.08 -32.06 -7.66
CA ILE A 185 -44.14 -33.45 -7.18
C ILE A 185 -45.03 -33.58 -5.95
N LYS A 186 -44.84 -32.69 -4.97
CA LYS A 186 -45.53 -32.81 -3.69
C LYS A 186 -45.95 -31.43 -3.18
N LYS A 187 -47.13 -31.37 -2.59
CA LYS A 187 -47.58 -30.16 -1.90
C LYS A 187 -48.33 -30.54 -0.64
N ASN A 188 -47.95 -29.92 0.46
CA ASN A 188 -48.77 -29.96 1.67
C ASN A 188 -48.87 -28.54 2.25
N GLU A 189 -49.32 -28.42 3.50
CA GLU A 189 -49.52 -27.12 4.14
C GLU A 189 -48.23 -26.34 4.30
N LYS A 190 -47.12 -27.06 4.44
CA LYS A 190 -45.82 -26.47 4.73
C LYS A 190 -44.99 -26.14 3.48
N TYR A 191 -45.12 -26.92 2.42
CA TYR A 191 -44.21 -26.77 1.28
C TYR A 191 -44.75 -27.33 -0.02
N GLU A 192 -44.17 -26.85 -1.11
CA GLU A 192 -44.31 -27.43 -2.44
C GLU A 192 -42.94 -27.86 -2.93
N LEU A 193 -42.80 -29.11 -3.37
CA LEU A 193 -41.54 -29.62 -3.86
C LEU A 193 -41.65 -29.89 -5.36
N TYR A 194 -40.70 -29.35 -6.10
CA TYR A 194 -40.61 -29.46 -7.54
C TYR A 194 -39.30 -30.15 -7.85
N GLY A 195 -39.25 -30.93 -8.91
CA GLY A 195 -37.97 -31.45 -9.36
C GLY A 195 -38.06 -32.44 -10.49
N LYS A 196 -36.89 -32.87 -10.94
CA LYS A 196 -36.77 -33.82 -12.04
C LYS A 196 -35.62 -34.77 -11.78
N THR A 197 -35.89 -36.06 -11.96
CA THR A 197 -34.83 -37.07 -11.89
C THR A 197 -34.07 -37.22 -13.20
N GLY A 198 -32.88 -37.78 -13.04
CA GLY A 198 -32.06 -38.22 -14.15
C GLY A 198 -31.22 -39.42 -13.73
N THR A 199 -31.04 -40.33 -14.67
CA THR A 199 -30.32 -41.57 -14.43
C THR A 199 -29.56 -41.92 -15.70
N GLY A 200 -28.27 -42.17 -15.55
CA GLY A 200 -27.42 -42.72 -16.58
C GLY A 200 -27.11 -44.17 -16.26
N ILE A 201 -27.42 -45.06 -17.20
CA ILE A 201 -27.14 -46.50 -17.09
C ILE A 201 -26.12 -46.85 -18.18
N VAL A 202 -25.02 -47.49 -17.78
CA VAL A 202 -24.01 -47.93 -18.74
C VAL A 202 -23.84 -49.44 -18.60
N ASN A 203 -24.26 -50.17 -19.64
CA ASN A 203 -24.20 -51.64 -19.67
C ASN A 203 -24.86 -52.29 -18.47
N GLY A 204 -26.02 -51.75 -18.08
CA GLY A 204 -26.82 -52.26 -16.98
C GLY A 204 -26.51 -51.65 -15.62
N LYS A 205 -25.40 -50.92 -15.53
CA LYS A 205 -24.93 -50.37 -14.26
C LYS A 205 -25.42 -48.93 -14.12
N TYR A 206 -26.00 -48.58 -12.97
CA TYR A 206 -26.26 -47.17 -12.66
C TYR A 206 -24.93 -46.47 -12.53
N ASN A 207 -24.76 -45.36 -13.24
CA ASN A 207 -23.48 -44.67 -13.25
C ASN A 207 -23.63 -43.20 -12.87
N ASN A 208 -24.85 -42.67 -12.89
CA ASN A 208 -25.04 -41.24 -12.84
C ASN A 208 -26.47 -40.96 -12.39
N GLY A 209 -26.64 -40.42 -11.17
CA GLY A 209 -27.96 -40.19 -10.62
C GLY A 209 -28.16 -38.74 -10.21
N TRP A 210 -29.31 -38.18 -10.56
CA TRP A 210 -29.63 -36.78 -10.28
C TRP A 210 -31.04 -36.58 -9.75
N PHE A 211 -31.21 -35.56 -8.90
CA PHE A 211 -32.53 -34.98 -8.64
C PHE A 211 -32.26 -33.48 -8.51
N VAL A 212 -32.90 -32.71 -9.36
CA VAL A 212 -32.70 -31.26 -9.45
C VAL A 212 -34.06 -30.62 -9.27
N GLY A 213 -34.17 -29.68 -8.33
CA GLY A 213 -35.44 -29.07 -8.10
C GLY A 213 -35.44 -27.83 -7.25
N TYR A 214 -36.62 -27.50 -6.74
CA TYR A 214 -36.74 -26.43 -5.75
C TYR A 214 -37.91 -26.68 -4.83
N VAL A 215 -37.85 -26.05 -3.64
CA VAL A 215 -38.91 -26.14 -2.66
C VAL A 215 -39.39 -24.72 -2.38
N ILE A 216 -40.70 -24.53 -2.40
CA ILE A 216 -41.31 -23.26 -2.01
C ILE A 216 -41.97 -23.48 -0.68
N THR A 217 -41.61 -22.67 0.32
CA THR A 217 -42.35 -22.66 1.57
C THR A 217 -43.09 -21.35 1.67
N ASN A 218 -43.84 -21.19 2.75
CA ASN A 218 -44.56 -19.94 2.98
C ASN A 218 -43.65 -18.75 3.34
N HIS A 219 -42.34 -18.99 3.51
CA HIS A 219 -41.37 -17.94 3.83
C HIS A 219 -40.09 -17.87 2.98
N ASP A 220 -39.81 -18.90 2.20
CA ASP A 220 -38.58 -18.90 1.38
C ASP A 220 -38.78 -19.81 0.16
N LYS A 221 -37.79 -19.76 -0.72
CA LYS A 221 -37.68 -20.66 -1.87
C LYS A 221 -36.25 -21.17 -1.93
N TYR A 222 -36.09 -22.47 -2.05
CA TYR A 222 -34.79 -23.11 -2.05
C TYR A 222 -34.58 -23.92 -3.31
N TYR A 223 -33.55 -23.60 -4.08
CA TYR A 223 -33.13 -24.45 -5.20
C TYR A 223 -32.17 -25.50 -4.68
N PHE A 224 -32.22 -26.72 -5.21
CA PHE A 224 -31.32 -27.77 -4.74
C PHE A 224 -31.01 -28.76 -5.88
N ALA A 225 -29.96 -29.54 -5.67
CA ALA A 225 -29.60 -30.66 -6.54
C ALA A 225 -28.78 -31.67 -5.78
N THR A 226 -29.09 -32.94 -5.97
CA THR A 226 -28.22 -34.02 -5.57
C THR A 226 -27.71 -34.73 -6.77
N HIS A 227 -26.41 -34.97 -6.81
CA HIS A 227 -25.84 -35.89 -7.76
C HIS A 227 -25.15 -37.04 -7.05
N LEU A 228 -25.33 -38.23 -7.59
CA LEU A 228 -24.70 -39.43 -7.09
C LEU A 228 -23.80 -39.95 -8.20
N SER A 229 -22.52 -40.19 -7.87
CA SER A 229 -21.54 -40.65 -8.85
C SER A 229 -21.14 -42.12 -8.66
N ASP A 230 -21.43 -42.67 -7.48
CA ASP A 230 -21.10 -44.06 -7.14
C ASP A 230 -21.97 -44.59 -6.01
N GLY A 231 -22.03 -45.90 -5.89
CA GLY A 231 -22.86 -46.53 -4.86
C GLY A 231 -24.06 -47.13 -5.53
N LYS A 232 -25.21 -46.46 -5.42
CA LYS A 232 -26.39 -46.75 -6.21
C LYS A 232 -26.85 -45.43 -6.81
N PRO A 233 -26.14 -44.95 -7.83
CA PRO A 233 -26.36 -43.61 -8.39
C PRO A 233 -27.47 -43.61 -9.40
N SER A 234 -28.70 -43.67 -8.89
CA SER A 234 -29.91 -43.60 -9.70
C SER A 234 -30.64 -42.30 -9.38
N GLY A 235 -31.48 -41.85 -10.30
CA GLY A 235 -32.32 -40.67 -10.09
C GLY A 235 -33.26 -40.84 -8.93
N LYS A 236 -33.79 -42.06 -8.80
CA LYS A 236 -34.71 -42.41 -7.72
C LYS A 236 -34.00 -42.28 -6.36
N ASN A 237 -32.78 -42.74 -6.29
CA ASN A 237 -32.02 -42.67 -5.05
C ASN A 237 -31.62 -41.23 -4.76
N ALA A 238 -31.25 -40.50 -5.80
CA ALA A 238 -30.87 -39.11 -5.64
C ALA A 238 -32.08 -38.29 -5.09
N GLU A 239 -33.30 -38.65 -5.50
CA GLU A 239 -34.49 -37.97 -5.02
C GLU A 239 -34.76 -38.29 -3.54
N LEU A 240 -34.67 -39.56 -3.19
CA LEU A 240 -34.82 -40.00 -1.80
C LEU A 240 -33.83 -39.29 -0.87
N ILE A 241 -32.57 -39.24 -1.29
CA ILE A 241 -31.54 -38.57 -0.51
C ILE A 241 -31.81 -37.08 -0.40
N SER A 242 -32.21 -36.44 -1.49
CA SER A 242 -32.58 -35.03 -1.48
C SER A 242 -33.67 -34.76 -0.47
N GLU A 243 -34.69 -35.59 -0.50
CA GLU A 243 -35.84 -35.41 0.34
C GLU A 243 -35.46 -35.65 1.80
N LYS A 244 -34.57 -36.59 2.05
CA LYS A 244 -34.07 -36.85 3.41
C LYS A 244 -33.27 -35.67 3.97
N ILE A 245 -32.40 -35.11 3.14
CA ILE A 245 -31.59 -33.96 3.52
C ILE A 245 -32.46 -32.73 3.74
N LEU A 246 -33.39 -32.45 2.81
CA LEU A 246 -34.29 -31.30 2.98
C LEU A 246 -35.06 -31.39 4.29
N LYS A 247 -35.58 -32.58 4.61
CA LYS A 247 -36.29 -32.79 5.86
C LYS A 247 -35.38 -32.57 7.09
N GLU A 248 -34.24 -33.25 7.09
CA GLU A 248 -33.25 -33.17 8.16
C GLU A 248 -32.73 -31.74 8.43
N MET A 249 -32.65 -30.93 7.36
CA MET A 249 -32.20 -29.54 7.47
C MET A 249 -33.30 -28.58 7.92
N GLY A 250 -34.54 -29.08 8.00
CA GLY A 250 -35.68 -28.31 8.48
C GLY A 250 -36.40 -27.50 7.41
N VAL A 251 -35.99 -27.67 6.16
CA VAL A 251 -36.58 -26.93 5.06
C VAL A 251 -38.06 -27.26 4.89
N LEU A 252 -38.42 -28.50 5.15
CA LEU A 252 -39.81 -28.94 4.95
C LEU A 252 -40.80 -28.61 6.08
N ASN A 253 -40.39 -27.93 7.14
CA ASN A 253 -41.40 -27.42 8.09
C ASN A 253 -41.66 -25.92 7.89
N ASN B 8 7.30 17.39 23.33
CA ASN B 8 8.08 16.10 23.21
C ASN B 8 8.32 15.71 21.75
N TYR B 9 9.38 14.96 21.52
CA TYR B 9 9.71 14.37 20.23
C TYR B 9 8.92 13.09 20.11
N LYS B 10 8.15 12.97 19.03
CA LYS B 10 7.14 11.92 18.88
C LYS B 10 7.49 10.87 17.81
N LYS B 11 8.38 11.20 16.89
CA LYS B 11 8.64 10.35 15.73
C LYS B 11 9.07 8.95 16.17
N PRO B 12 8.44 7.90 15.63
CA PRO B 12 8.94 6.55 15.89
C PRO B 12 10.28 6.27 15.22
N LEU B 13 11.04 5.36 15.81
CA LEU B 13 12.22 4.79 15.17
C LEU B 13 11.78 3.76 14.12
N HIS B 14 12.46 3.76 12.98
CA HIS B 14 12.15 2.87 11.86
C HIS B 14 13.25 1.83 11.68
N ASN B 15 13.78 1.37 12.80
CA ASN B 15 14.85 0.39 12.83
C ASN B 15 14.89 -0.29 14.19
N ASP B 16 15.77 -1.29 14.31
CA ASP B 16 15.90 -2.05 15.55
C ASP B 16 16.22 -1.12 16.72
N TYR B 17 15.61 -1.38 17.87
CA TYR B 17 16.04 -0.75 19.11
C TYR B 17 15.73 -1.60 20.33
N GLN B 18 16.39 -1.29 21.44
CA GLN B 18 16.32 -2.08 22.67
C GLN B 18 16.19 -1.17 23.87
N ILE B 19 15.21 -1.45 24.71
CA ILE B 19 15.00 -0.72 25.94
C ILE B 19 15.95 -1.26 26.98
N LEU B 20 16.64 -0.35 27.67
CA LEU B 20 17.67 -0.67 28.65
C LEU B 20 17.20 -0.27 30.03
N ASP B 21 17.83 -0.85 31.03
CA ASP B 21 17.70 -0.38 32.40
C ASP B 21 19.08 -0.14 32.99
N LYS B 22 19.42 1.14 33.15
CA LYS B 22 20.69 1.55 33.74
C LYS B 22 20.45 2.40 34.99
N SER B 23 19.33 2.13 35.65
CA SER B 23 18.94 2.86 36.87
C SER B 23 19.99 2.78 37.99
N LYS B 24 20.71 1.66 38.03
CA LYS B 24 21.76 1.46 39.02
C LYS B 24 22.90 2.48 38.86
N ILE B 25 23.37 2.66 37.63
CA ILE B 25 24.44 3.61 37.33
C ILE B 25 24.02 5.08 37.57
N PHE B 26 22.79 5.46 37.23
CA PHE B 26 22.31 6.83 37.46
C PHE B 26 22.26 7.21 38.95
N GLY B 27 22.13 6.21 39.81
CA GLY B 27 22.12 6.42 41.24
C GLY B 27 20.97 7.32 41.66
N SER B 28 21.32 8.41 42.35
CA SER B 28 20.37 9.39 42.85
C SER B 28 19.88 10.38 41.79
N ASN B 29 20.44 10.28 40.58
CA ASN B 29 20.10 11.20 39.49
C ASN B 29 18.97 10.64 38.64
N SER B 30 18.20 11.55 38.05
CA SER B 30 17.15 11.19 37.11
C SER B 30 17.59 11.62 35.72
N GLY B 31 17.27 10.80 34.72
CA GLY B 31 17.59 11.16 33.37
C GLY B 31 17.36 10.03 32.40
N SER B 32 18.03 10.13 31.26
CA SER B 32 17.99 9.11 30.25
C SER B 32 19.34 8.91 29.60
N PHE B 33 19.47 7.83 28.85
CA PHE B 33 20.68 7.51 28.11
C PHE B 33 20.30 6.89 26.79
N VAL B 34 20.94 7.31 25.72
CA VAL B 34 20.63 6.80 24.40
C VAL B 34 21.94 6.49 23.68
N MET B 35 22.01 5.33 23.04
CA MET B 35 23.16 4.91 22.26
C MET B 35 22.71 4.35 20.92
N TYR B 36 23.54 4.51 19.90
CA TYR B 36 23.29 3.96 18.59
C TYR B 36 24.55 3.30 18.10
N SER B 37 24.42 2.04 17.66
CA SER B 37 25.49 1.30 16.98
C SER B 37 25.39 1.46 15.48
N MET B 38 26.48 1.90 14.84
CA MET B 38 26.52 2.04 13.38
C MET B 38 26.40 0.69 12.67
N LYS B 39 27.13 -0.30 13.16
CA LYS B 39 27.17 -1.62 12.51
C LYS B 39 25.79 -2.28 12.55
N LYS B 40 25.15 -2.23 13.71
CA LYS B 40 23.86 -2.89 13.91
C LYS B 40 22.63 -2.06 13.51
N ASP B 41 22.83 -0.77 13.26
CA ASP B 41 21.73 0.15 13.00
C ASP B 41 20.68 -0.02 14.09
N LYS B 42 21.12 0.14 15.33
CA LYS B 42 20.32 -0.16 16.50
C LYS B 42 20.46 0.87 17.59
N TYR B 43 19.34 1.36 18.08
CA TYR B 43 19.33 2.26 19.24
C TYR B 43 19.18 1.44 20.52
N TYR B 44 19.73 1.98 21.60
CA TYR B 44 19.64 1.43 22.94
C TYR B 44 19.23 2.55 23.91
N ILE B 45 18.07 2.42 24.54
CA ILE B 45 17.47 3.54 25.26
C ILE B 45 17.13 3.21 26.71
N TYR B 46 17.67 3.98 27.65
CA TYR B 46 17.22 3.96 29.03
C TYR B 46 16.29 5.14 29.30
N ASN B 47 15.04 4.82 29.65
CA ASN B 47 14.04 5.79 30.03
C ASN B 47 13.55 6.55 28.81
N GLU B 48 12.83 5.82 27.94
CA GLU B 48 12.45 6.34 26.60
C GLU B 48 11.58 7.57 26.64
N LYS B 49 10.62 7.63 27.56
CA LYS B 49 9.75 8.80 27.64
C LYS B 49 10.56 10.05 28.01
N GLU B 50 11.38 9.93 29.05
CA GLU B 50 12.32 10.98 29.40
C GLU B 50 13.29 11.30 28.24
N SER B 51 13.65 10.29 27.45
CA SER B 51 14.60 10.46 26.34
C SER B 51 13.99 11.26 25.20
N ARG B 52 12.66 11.37 25.19
CA ARG B 52 11.92 12.11 24.19
C ARG B 52 11.54 13.51 24.66
N LYS B 53 11.78 13.82 25.92
CA LYS B 53 11.51 15.16 26.46
C LYS B 53 12.58 16.18 25.97
N ARG B 54 12.16 17.35 25.46
CA ARG B 54 13.11 18.36 24.94
C ARG B 54 13.58 19.32 26.02
N TYR B 55 14.89 19.58 26.02
CA TYR B 55 15.54 20.48 26.95
C TYR B 55 16.52 21.37 26.18
N SER B 56 16.90 22.48 26.79
CA SER B 56 17.95 23.32 26.19
C SER B 56 19.23 22.50 26.01
N PRO B 57 19.90 22.58 24.87
CA PRO B 57 21.15 21.84 24.66
C PRO B 57 22.34 22.42 25.43
N ASN B 58 22.21 23.66 25.89
CA ASN B 58 23.33 24.37 26.50
C ASN B 58 24.56 24.18 25.65
N SER B 59 25.70 23.93 26.29
CA SER B 59 26.97 23.90 25.57
C SER B 59 27.13 22.77 24.56
N THR B 60 26.24 21.79 24.55
CA THR B 60 26.35 20.76 23.49
C THR B 60 26.11 21.37 22.11
N TYR B 61 25.42 22.50 22.04
CA TYR B 61 25.17 23.13 20.76
C TYR B 61 26.42 23.78 20.18
N LYS B 62 27.46 23.92 20.98
CA LYS B 62 28.75 24.35 20.47
C LYS B 62 29.29 23.42 19.38
N ILE B 63 28.89 22.15 19.42
CA ILE B 63 29.17 21.23 18.32
C ILE B 63 28.66 21.80 17.01
N TYR B 64 27.40 22.26 16.99
CA TYR B 64 26.78 22.80 15.78
C TYR B 64 27.28 24.20 15.42
N LEU B 65 27.56 25.04 16.41
CA LEU B 65 28.11 26.34 16.11
C LEU B 65 29.51 26.19 15.45
N ALA B 66 30.29 25.22 15.89
CA ALA B 66 31.58 24.91 15.27
C ALA B 66 31.39 24.48 13.82
N MET B 67 30.47 23.54 13.57
CA MET B 67 30.17 23.10 12.21
C MET B 67 29.70 24.26 11.32
N PHE B 68 28.84 25.12 11.84
CA PHE B 68 28.34 26.25 11.06
C PHE B 68 29.45 27.27 10.77
N GLY B 69 30.30 27.52 11.76
CA GLY B 69 31.41 28.44 11.60
C GLY B 69 32.38 27.92 10.56
N LEU B 70 32.62 26.61 10.57
CA LEU B 70 33.46 25.98 9.56
C LEU B 70 32.82 26.07 8.18
N ASP B 71 31.55 25.75 8.10
CA ASP B 71 30.83 25.73 6.84
C ASP B 71 30.76 27.13 6.23
N ARG B 72 30.66 28.13 7.09
CA ARG B 72 30.58 29.54 6.65
C ARG B 72 31.95 30.20 6.50
N HIS B 73 33.02 29.44 6.72
CA HIS B 73 34.39 29.93 6.62
C HIS B 73 34.72 31.03 7.63
N ILE B 74 34.00 31.05 8.74
CA ILE B 74 34.37 31.96 9.81
C ILE B 74 35.69 31.54 10.42
N ILE B 75 35.83 30.22 10.54
CA ILE B 75 37.07 29.57 10.94
C ILE B 75 37.36 28.45 9.94
N ASN B 76 38.62 28.02 9.89
CA ASN B 76 39.02 26.92 9.02
C ASN B 76 40.24 26.19 9.59
N ASP B 77 40.74 25.24 8.81
CA ASP B 77 41.86 24.37 9.16
C ASP B 77 43.14 25.18 9.45
N GLU B 78 43.36 26.23 8.69
CA GLU B 78 44.58 27.01 8.76
C GLU B 78 44.55 27.94 9.98
N ASN B 79 43.36 28.44 10.29
CA ASN B 79 43.19 29.47 11.31
C ASN B 79 41.78 29.42 11.92
N SER B 80 41.70 28.97 13.17
CA SER B 80 40.49 29.04 13.96
C SER B 80 40.75 29.86 15.22
N ARG B 81 41.82 30.66 15.22
CA ARG B 81 42.21 31.47 16.37
C ARG B 81 41.36 32.73 16.43
N MET B 82 40.94 33.08 17.63
CA MET B 82 40.25 34.34 17.89
C MET B 82 40.89 35.03 19.06
N SER B 83 41.07 36.34 18.92
CA SER B 83 41.73 37.14 19.92
C SER B 83 40.83 37.34 21.13
N TRP B 84 41.47 37.34 22.28
CA TRP B 84 40.82 37.75 23.51
C TRP B 84 40.76 39.29 23.50
N ASN B 85 39.59 39.82 23.81
CA ASN B 85 39.37 41.26 23.82
C ASN B 85 39.64 41.92 25.18
N HIS B 86 40.22 41.17 26.10
CA HIS B 86 40.73 41.68 27.38
C HIS B 86 39.64 41.79 28.46
N LYS B 87 38.43 41.35 28.14
CA LYS B 87 37.37 41.24 29.15
C LYS B 87 37.76 40.18 30.19
N HIS B 88 37.79 40.57 31.45
CA HIS B 88 38.18 39.64 32.49
C HIS B 88 37.11 38.58 32.80
N TYR B 89 37.48 37.30 32.75
CA TYR B 89 36.63 36.19 33.19
C TYR B 89 37.20 35.58 34.47
N PRO B 90 36.38 34.89 35.23
CA PRO B 90 36.84 34.31 36.50
C PRO B 90 37.73 33.05 36.33
N PHE B 91 37.94 32.58 35.10
CA PHE B 91 38.84 31.45 34.83
C PHE B 91 39.93 31.91 33.88
N ASP B 92 41.19 31.65 34.23
CA ASP B 92 42.32 32.09 33.42
C ASP B 92 42.25 31.52 32.01
N ALA B 93 41.69 30.32 31.90
CA ALA B 93 41.60 29.63 30.61
C ALA B 93 40.81 30.42 29.58
N TRP B 94 39.91 31.29 30.04
CA TRP B 94 39.09 32.11 29.15
C TRP B 94 39.76 33.44 28.78
N ASN B 95 40.77 33.85 29.56
CA ASN B 95 41.43 35.17 29.39
C ASN B 95 42.64 35.16 28.49
N LYS B 96 42.46 34.60 27.29
CA LYS B 96 43.54 34.49 26.34
C LYS B 96 42.98 34.07 25.00
N GLU B 97 43.82 34.18 23.97
CA GLU B 97 43.50 33.71 22.63
C GLU B 97 42.96 32.29 22.70
N GLN B 98 42.01 31.98 21.84
CA GLN B 98 41.49 30.61 21.74
C GLN B 98 41.55 30.14 20.29
N ASP B 99 41.70 28.84 20.10
CA ASP B 99 41.36 28.21 18.82
C ASP B 99 40.20 27.26 19.04
N LEU B 100 39.78 26.55 18.00
CA LEU B 100 38.57 25.74 18.12
C LEU B 100 38.77 24.68 19.17
N ASN B 101 39.97 24.10 19.20
CA ASN B 101 40.28 23.02 20.14
C ASN B 101 40.26 23.51 21.59
N THR B 102 40.91 24.62 21.89
CA THR B 102 40.89 25.13 23.27
C THR B 102 39.49 25.65 23.66
N ALA B 103 38.81 26.28 22.73
CA ALA B 103 37.48 26.83 23.00
C ALA B 103 36.48 25.71 23.27
N MET B 104 36.60 24.61 22.53
CA MET B 104 35.69 23.48 22.72
C MET B 104 36.00 22.78 24.04
N GLN B 105 37.28 22.64 24.34
CA GLN B 105 37.71 21.92 25.54
C GLN B 105 37.30 22.64 26.82
N ASN B 106 37.41 23.97 26.80
CA ASN B 106 37.15 24.78 27.98
C ASN B 106 35.79 25.46 27.92
N SER B 107 35.01 25.12 26.90
CA SER B 107 33.63 25.59 26.74
C SER B 107 33.55 27.10 26.88
N VAL B 108 34.45 27.79 26.17
CA VAL B 108 34.57 29.25 26.22
C VAL B 108 33.44 29.90 25.45
N ASN B 109 32.48 30.45 26.19
CA ASN B 109 31.30 31.06 25.55
C ASN B 109 31.59 32.15 24.53
N TRP B 110 32.55 33.03 24.82
CA TRP B 110 32.74 34.20 23.96
C TRP B 110 33.20 33.83 22.55
N TYR B 111 33.94 32.73 22.46
CA TYR B 111 34.40 32.23 21.18
C TYR B 111 33.20 31.84 20.33
N PHE B 112 32.29 31.06 20.91
CA PHE B 112 31.15 30.58 20.14
C PHE B 112 30.12 31.68 19.89
N GLU B 113 30.02 32.64 20.81
CA GLU B 113 29.19 33.83 20.57
C GLU B 113 29.71 34.63 19.39
N ARG B 114 31.04 34.80 19.31
CA ARG B 114 31.64 35.52 18.19
C ARG B 114 31.34 34.81 16.85
N ILE B 115 31.38 33.48 16.84
CA ILE B 115 30.93 32.73 15.67
C ILE B 115 29.46 33.01 15.37
N SER B 116 28.61 32.78 16.35
CA SER B 116 27.17 32.85 16.18
C SER B 116 26.73 34.21 15.69
N ASP B 117 27.36 35.26 16.21
CA ASP B 117 27.01 36.63 15.83
C ASP B 117 27.26 36.92 14.34
N GLN B 118 28.08 36.10 13.68
CA GLN B 118 28.37 36.26 12.27
C GLN B 118 27.50 35.39 11.35
N ILE B 119 26.66 34.54 11.94
CA ILE B 119 25.83 33.59 11.17
C ILE B 119 24.45 34.17 10.97
N PRO B 120 24.00 34.31 9.72
CA PRO B 120 22.65 34.81 9.45
C PRO B 120 21.58 33.88 10.03
N LYS B 121 20.56 34.50 10.59
CA LYS B 121 19.44 33.76 11.11
C LYS B 121 18.91 32.73 10.10
N ASN B 122 18.74 33.12 8.83
CA ASN B 122 18.13 32.27 7.82
C ASN B 122 19.01 31.06 7.52
N TYR B 123 20.33 31.24 7.62
CA TYR B 123 21.25 30.11 7.45
C TYR B 123 21.01 29.09 8.55
N THR B 124 20.99 29.56 9.79
CA THR B 124 20.80 28.67 10.94
C THR B 124 19.47 27.94 10.83
N ALA B 125 18.42 28.69 10.47
CA ALA B 125 17.10 28.11 10.34
C ALA B 125 17.09 26.97 9.33
N THR B 126 17.75 27.19 8.20
CA THR B 126 17.87 26.20 7.14
C THR B 126 18.59 24.95 7.63
N GLN B 127 19.72 25.14 8.30
CA GLN B 127 20.42 24.00 8.89
C GLN B 127 19.59 23.20 9.90
N LEU B 128 18.94 23.89 10.82
CA LEU B 128 18.17 23.22 11.87
C LEU B 128 17.00 22.44 11.26
N LYS B 129 16.38 22.98 10.22
CA LYS B 129 15.35 22.25 9.47
C LYS B 129 15.93 21.00 8.81
N GLN B 130 17.07 21.14 8.14
CA GLN B 130 17.70 20.02 7.45
C GLN B 130 18.17 18.95 8.43
N LEU B 131 18.63 19.38 9.61
CA LEU B 131 19.13 18.49 10.64
C LEU B 131 18.02 17.91 11.51
N ASN B 132 16.81 18.48 11.41
CA ASN B 132 15.71 18.17 12.31
C ASN B 132 16.14 18.39 13.76
N TYR B 133 16.73 19.53 14.04
CA TYR B 133 17.22 19.83 15.38
C TYR B 133 16.11 20.29 16.33
N GLY B 134 15.53 19.33 17.05
CA GLY B 134 14.59 19.64 18.12
C GLY B 134 13.43 20.51 17.70
N ASN B 135 13.11 21.52 18.51
CA ASN B 135 12.00 22.41 18.24
C ASN B 135 12.37 23.50 17.25
N LYS B 136 13.66 23.59 16.89
CA LYS B 136 14.17 24.52 15.90
C LYS B 136 13.83 25.96 16.23
N ASN B 137 13.72 26.26 17.52
CA ASN B 137 13.23 27.58 17.95
C ASN B 137 14.37 28.51 18.32
N LEU B 138 14.67 29.47 17.45
CA LEU B 138 15.81 30.38 17.60
C LEU B 138 15.52 31.58 18.49
N GLY B 139 14.23 31.82 18.78
CA GLY B 139 13.85 32.85 19.72
C GLY B 139 14.40 34.20 19.31
N SER B 140 14.96 34.92 20.28
CA SER B 140 15.60 36.22 20.06
C SER B 140 16.95 36.14 19.33
N TYR B 141 17.40 34.92 19.04
CA TYR B 141 18.61 34.66 18.25
C TYR B 141 19.81 35.36 18.86
N LYS B 142 19.91 35.25 20.19
CA LYS B 142 21.10 35.68 20.91
C LYS B 142 21.85 34.41 21.36
N SER B 143 21.94 34.16 22.66
CA SER B 143 22.48 32.88 23.13
C SER B 143 21.36 31.86 23.24
N TYR B 144 20.72 31.59 22.10
CA TYR B 144 19.43 30.88 22.06
C TYR B 144 19.54 29.39 22.49
N TRP B 145 20.75 28.88 22.48
CA TRP B 145 21.03 27.51 22.84
C TRP B 145 21.30 27.35 24.33
N MET B 146 21.30 28.45 25.08
CA MET B 146 21.69 28.43 26.50
C MET B 146 20.50 28.75 27.41
N GLU B 147 19.85 27.69 27.90
CA GLU B 147 18.67 27.78 28.74
C GLU B 147 17.69 28.83 28.21
N ASP B 148 17.35 28.70 26.93
CA ASP B 148 16.52 29.68 26.25
C ASP B 148 15.53 28.96 25.32
N SER B 149 15.37 29.40 24.08
CA SER B 149 14.28 28.96 23.23
C SER B 149 14.47 27.57 22.63
N LEU B 150 15.72 27.27 22.27
CA LEU B 150 16.10 26.07 21.54
C LEU B 150 16.10 24.86 22.46
N LYS B 151 15.43 23.81 22.02
CA LYS B 151 15.25 22.62 22.85
C LYS B 151 15.34 21.37 22.00
N ILE B 152 15.93 20.33 22.59
CA ILE B 152 16.15 19.09 21.90
C ILE B 152 16.14 17.94 22.92
N SER B 153 15.64 16.78 22.51
CA SER B 153 15.57 15.63 23.41
C SER B 153 16.85 14.83 23.28
N ASN B 154 17.09 14.00 24.29
CA ASN B 154 18.19 13.02 24.30
C ASN B 154 18.21 12.14 23.08
N LEU B 155 17.06 11.60 22.68
CA LEU B 155 17.02 10.71 21.53
C LEU B 155 17.39 11.48 20.28
N GLU B 156 16.90 12.71 20.16
CA GLU B 156 17.25 13.52 19.02
C GLU B 156 18.72 13.87 19.00
N GLN B 157 19.30 14.06 20.17
CA GLN B 157 20.72 14.45 20.24
C GLN B 157 21.56 13.39 19.54
N VAL B 158 21.21 12.12 19.75
CA VAL B 158 21.94 11.02 19.13
C VAL B 158 21.63 10.93 17.63
N ILE B 159 20.35 10.96 17.26
CA ILE B 159 19.94 10.86 15.86
C ILE B 159 20.55 11.99 15.01
N VAL B 160 20.41 13.21 15.51
CA VAL B 160 20.82 14.37 14.78
C VAL B 160 22.35 14.42 14.62
N PHE B 161 23.10 14.14 15.68
CA PHE B 161 24.58 14.13 15.62
C PHE B 161 25.07 13.06 14.65
N LYS B 162 24.51 11.86 14.79
CA LYS B 162 24.87 10.72 13.92
C LYS B 162 24.58 11.05 12.45
N ASN B 163 23.41 11.61 12.19
CA ASN B 163 23.06 11.99 10.84
C ASN B 163 23.94 13.10 10.27
N MET B 164 24.22 14.12 11.07
CA MET B 164 25.10 15.18 10.58
C MET B 164 26.45 14.64 10.19
N MET B 165 27.02 13.78 11.02
CA MET B 165 28.39 13.30 10.78
C MET B 165 28.47 12.21 9.71
N GLU B 166 27.44 11.37 9.62
CA GLU B 166 27.57 10.12 8.85
C GLU B 166 26.89 10.17 7.49
N GLN B 167 25.81 10.93 7.39
CA GLN B 167 25.14 11.11 6.11
C GLN B 167 26.03 11.87 5.12
N ASN B 168 25.88 11.54 3.84
CA ASN B 168 26.60 12.25 2.79
C ASN B 168 25.89 13.57 2.48
N ASN B 169 25.90 14.46 3.47
CA ASN B 169 25.18 15.72 3.43
C ASN B 169 26.14 16.83 2.94
N HIS B 170 25.77 18.09 3.07
CA HIS B 170 26.52 19.18 2.44
C HIS B 170 27.72 19.66 3.23
N PHE B 171 27.87 19.21 4.47
CA PHE B 171 29.03 19.58 5.25
C PHE B 171 30.23 18.78 4.76
N SER B 172 31.36 19.46 4.59
CA SER B 172 32.55 18.86 4.03
C SER B 172 33.18 17.87 4.97
N LYS B 173 33.96 16.96 4.40
CA LYS B 173 34.73 16.01 5.16
C LYS B 173 35.76 16.73 6.03
N LYS B 174 36.40 17.78 5.52
CA LYS B 174 37.37 18.53 6.30
C LYS B 174 36.73 19.24 7.52
N ALA B 175 35.48 19.67 7.41
CA ALA B 175 34.80 20.32 8.53
C ALA B 175 34.50 19.29 9.59
N LYS B 176 33.99 18.14 9.15
CA LYS B 176 33.66 17.07 10.06
C LYS B 176 34.90 16.61 10.81
N ASN B 177 36.05 16.53 10.14
CA ASN B 177 37.27 16.05 10.76
C ASN B 177 37.80 17.10 11.74
N GLN B 178 37.70 18.37 11.40
CA GLN B 178 38.17 19.43 12.28
C GLN B 178 37.30 19.45 13.56
N LEU B 179 36.00 19.28 13.39
CA LEU B 179 35.06 19.24 14.49
C LEU B 179 35.39 18.04 15.40
N SER B 180 35.52 16.86 14.81
CA SER B 180 35.89 15.67 15.58
C SER B 180 37.13 15.91 16.43
N SER B 181 38.16 16.49 15.84
CA SER B 181 39.41 16.71 16.56
C SER B 181 39.21 17.60 17.78
N SER B 182 38.35 18.61 17.67
CA SER B 182 38.04 19.49 18.79
C SER B 182 37.23 18.80 19.90
N LEU B 183 36.53 17.71 19.56
CA LEU B 183 35.76 16.91 20.51
C LEU B 183 36.50 15.71 21.14
N LEU B 184 37.72 15.42 20.68
CA LEU B 184 38.44 14.24 21.18
C LEU B 184 38.75 14.35 22.64
N ILE B 185 38.36 13.33 23.41
CA ILE B 185 38.60 13.27 24.85
C ILE B 185 39.61 12.22 25.25
N LYS B 186 39.46 11.01 24.69
CA LYS B 186 40.33 9.90 25.03
C LYS B 186 40.69 9.10 23.80
N LYS B 187 41.93 8.62 23.74
CA LYS B 187 42.31 7.64 22.73
C LYS B 187 43.30 6.66 23.31
N ASN B 188 42.97 5.39 23.16
CA ASN B 188 43.86 4.32 23.58
C ASN B 188 43.69 3.15 22.62
N GLU B 189 44.31 2.02 22.96
CA GLU B 189 44.34 0.87 22.08
C GLU B 189 42.95 0.28 21.82
N LYS B 190 42.05 0.48 22.78
CA LYS B 190 40.70 -0.09 22.74
C LYS B 190 39.65 0.83 22.07
N TYR B 191 39.76 2.13 22.30
CA TYR B 191 38.71 3.02 21.84
C TYR B 191 39.19 4.45 21.75
N GLU B 192 38.42 5.24 21.02
CA GLU B 192 38.63 6.67 20.89
C GLU B 192 37.29 7.36 21.13
N LEU B 193 37.21 8.15 22.21
CA LEU B 193 35.98 8.77 22.70
C LEU B 193 36.01 10.28 22.46
N TYR B 194 34.90 10.76 21.91
CA TYR B 194 34.66 12.16 21.58
C TYR B 194 33.40 12.60 22.30
N GLY B 195 33.33 13.87 22.65
CA GLY B 195 32.13 14.37 23.24
C GLY B 195 32.18 15.80 23.72
N LYS B 196 31.02 16.27 24.15
CA LYS B 196 30.87 17.62 24.64
C LYS B 196 29.86 17.67 25.77
N THR B 197 30.22 18.29 26.87
CA THR B 197 29.29 18.53 27.97
C THR B 197 28.38 19.74 27.77
N GLY B 198 27.29 19.76 28.54
CA GLY B 198 26.40 20.89 28.65
C GLY B 198 25.86 20.96 30.07
N THR B 199 25.79 22.17 30.63
CA THR B 199 25.30 22.40 31.99
C THR B 199 24.40 23.63 32.03
N GLY B 200 23.19 23.47 32.53
CA GLY B 200 22.29 24.58 32.75
C GLY B 200 22.28 24.89 34.23
N ILE B 201 22.36 26.17 34.56
CA ILE B 201 22.27 26.61 35.94
C ILE B 201 21.14 27.61 36.03
N VAL B 202 20.25 27.43 37.00
CA VAL B 202 19.19 28.39 37.27
C VAL B 202 19.18 28.71 38.77
N ASN B 203 19.27 30.01 39.09
CA ASN B 203 19.41 30.50 40.45
C ASN B 203 20.50 29.77 41.22
N GLY B 204 21.66 29.59 40.58
CA GLY B 204 22.82 28.98 41.22
C GLY B 204 22.82 27.47 41.38
N LYS B 205 21.74 26.81 40.96
CA LYS B 205 21.60 25.36 41.13
C LYS B 205 21.52 24.66 39.77
N TYR B 206 22.25 23.55 39.64
CA TYR B 206 22.22 22.74 38.41
C TYR B 206 20.79 22.28 38.13
N ASN B 207 20.37 22.34 36.87
CA ASN B 207 19.06 21.88 36.47
C ASN B 207 19.00 21.11 35.16
N ASN B 208 20.14 20.89 34.50
CA ASN B 208 20.13 20.40 33.11
C ASN B 208 21.55 20.00 32.72
N GLY B 209 21.80 18.71 32.63
CA GLY B 209 23.14 18.17 32.38
C GLY B 209 23.16 17.30 31.16
N TRP B 210 24.15 17.52 30.29
CA TRP B 210 24.31 16.77 29.07
C TRP B 210 25.73 16.27 28.88
N PHE B 211 25.84 15.16 28.17
CA PHE B 211 27.07 14.77 27.49
C PHE B 211 26.66 14.06 26.23
N VAL B 212 27.08 14.59 25.08
CA VAL B 212 26.81 13.95 23.83
C VAL B 212 28.12 13.69 23.13
N GLY B 213 28.24 12.51 22.58
CA GLY B 213 29.47 12.13 21.92
C GLY B 213 29.35 10.91 21.07
N TYR B 214 30.52 10.41 20.68
CA TYR B 214 30.62 9.15 19.99
C TYR B 214 31.91 8.43 20.36
N VAL B 215 31.92 7.13 20.18
CA VAL B 215 33.13 6.37 20.46
C VAL B 215 33.40 5.42 19.31
N ILE B 216 34.66 5.36 18.88
CA ILE B 216 35.11 4.46 17.86
C ILE B 216 35.86 3.34 18.56
N THR B 217 35.41 2.10 18.35
CA THR B 217 36.12 0.92 18.81
C THR B 217 36.72 0.23 17.61
N ASN B 218 37.41 -0.88 17.82
CA ASN B 218 38.03 -1.59 16.71
C ASN B 218 36.99 -2.28 15.82
N HIS B 219 35.78 -2.44 16.33
CA HIS B 219 34.76 -3.22 15.63
C HIS B 219 33.46 -2.47 15.31
N ASP B 220 33.36 -1.21 15.72
CA ASP B 220 32.10 -0.46 15.55
C ASP B 220 32.29 1.03 15.91
N LYS B 221 31.26 1.82 15.66
CA LYS B 221 31.19 3.21 16.11
C LYS B 221 29.82 3.45 16.77
N TYR B 222 29.80 4.09 17.92
CA TYR B 222 28.59 4.33 18.69
C TYR B 222 28.39 5.82 18.93
N TYR B 223 27.20 6.32 18.63
CA TYR B 223 26.83 7.67 19.04
C TYR B 223 26.06 7.53 20.33
N PHE B 224 26.19 8.46 21.23
CA PHE B 224 25.48 8.35 22.50
C PHE B 224 25.22 9.71 23.10
N ALA B 225 24.28 9.76 24.03
CA ALA B 225 24.08 10.94 24.85
C ALA B 225 23.41 10.57 26.17
N THR B 226 23.86 11.20 27.24
CA THR B 226 23.18 11.18 28.53
C THR B 226 22.61 12.55 28.81
N HIS B 227 21.36 12.57 29.26
CA HIS B 227 20.78 13.76 29.84
C HIS B 227 20.39 13.53 31.30
N LEU B 228 20.61 14.54 32.12
CA LEU B 228 20.20 14.53 33.52
C LEU B 228 19.25 15.70 33.75
N SER B 229 18.11 15.39 34.36
CA SER B 229 17.10 16.41 34.66
C SER B 229 17.03 16.78 36.14
N ASP B 230 17.42 15.84 37.02
CA ASP B 230 17.34 16.04 38.46
C ASP B 230 18.45 15.32 39.24
N GLY B 231 18.68 15.79 40.46
CA GLY B 231 19.68 15.21 41.35
C GLY B 231 20.85 16.17 41.41
N LYS B 232 21.95 15.81 40.74
CA LYS B 232 23.02 16.75 40.40
C LYS B 232 23.21 16.70 38.88
N PRO B 233 22.31 17.40 38.18
CA PRO B 233 22.28 17.37 36.72
C PRO B 233 23.27 18.35 36.10
N SER B 234 24.56 18.04 36.23
CA SER B 234 25.64 18.79 35.58
C SER B 234 26.18 18.00 34.41
N GLY B 235 26.88 18.70 33.52
CA GLY B 235 27.52 18.05 32.39
C GLY B 235 28.60 17.06 32.82
N LYS B 236 29.35 17.43 33.86
CA LYS B 236 30.41 16.58 34.38
C LYS B 236 29.83 15.25 34.82
N ASN B 237 28.70 15.32 35.51
CA ASN B 237 28.06 14.12 35.98
C ASN B 237 27.48 13.29 34.83
N ALA B 238 26.92 13.95 33.83
CA ALA B 238 26.42 13.27 32.66
C ALA B 238 27.53 12.56 31.89
N GLU B 239 28.73 13.15 31.86
CA GLU B 239 29.86 12.51 31.18
C GLU B 239 30.32 11.27 31.99
N LEU B 240 30.45 11.42 33.29
CA LEU B 240 30.80 10.30 34.17
C LEU B 240 29.84 9.14 33.98
N ILE B 241 28.54 9.42 34.01
CA ILE B 241 27.52 8.37 33.84
C ILE B 241 27.62 7.74 32.47
N SER B 242 27.78 8.57 31.43
CA SER B 242 27.94 8.07 30.07
C SER B 242 29.05 7.03 29.97
N GLU B 243 30.19 7.36 30.54
CA GLU B 243 31.39 6.54 30.48
C GLU B 243 31.20 5.26 31.28
N LYS B 244 30.48 5.36 32.40
CA LYS B 244 30.18 4.19 33.23
C LYS B 244 29.29 3.22 32.48
N ILE B 245 28.27 3.74 31.79
CA ILE B 245 27.37 2.92 31.00
C ILE B 245 28.09 2.30 29.83
N LEU B 246 28.89 3.06 29.08
CA LEU B 246 29.60 2.51 27.96
C LEU B 246 30.50 1.36 28.41
N LYS B 247 31.14 1.51 29.56
CA LYS B 247 32.05 0.49 30.10
C LYS B 247 31.23 -0.76 30.49
N GLU B 248 30.12 -0.52 31.18
CA GLU B 248 29.26 -1.61 31.67
C GLU B 248 28.65 -2.39 30.53
N MET B 249 28.37 -1.74 29.41
CA MET B 249 27.75 -2.43 28.27
C MET B 249 28.76 -3.13 27.38
N GLY B 250 30.04 -3.03 27.71
CA GLY B 250 31.10 -3.71 26.97
C GLY B 250 31.66 -2.95 25.77
N VAL B 251 31.28 -1.69 25.64
CA VAL B 251 31.68 -0.89 24.46
C VAL B 251 33.17 -0.52 24.53
N LEU B 252 33.71 -0.46 25.74
CA LEU B 252 35.07 0.02 25.97
C LEU B 252 36.14 -1.05 26.20
N ASN B 253 35.79 -2.33 26.09
CA ASN B 253 36.71 -3.41 26.53
C ASN B 253 37.66 -3.91 25.45
N THR C 5 -22.00 -3.65 15.41
CA THR C 5 -22.13 -5.02 16.03
C THR C 5 -20.84 -5.82 15.87
N ASP C 6 -20.79 -6.96 16.55
CA ASP C 6 -19.69 -7.89 16.37
C ASP C 6 -20.15 -8.94 15.38
N TYR C 7 -19.47 -8.98 14.24
CA TYR C 7 -19.76 -9.96 13.20
C TYR C 7 -18.88 -11.16 13.39
N ASN C 8 -19.43 -12.32 13.08
CA ASN C 8 -18.73 -13.58 13.26
C ASN C 8 -18.20 -14.10 11.94
N TYR C 9 -17.48 -15.22 12.00
CA TYR C 9 -16.69 -15.69 10.88
C TYR C 9 -17.57 -16.40 9.88
N LYS C 10 -17.64 -15.84 8.66
CA LYS C 10 -18.53 -16.34 7.62
C LYS C 10 -17.82 -16.92 6.40
N LYS C 11 -16.51 -16.73 6.23
CA LYS C 11 -15.83 -17.23 5.04
C LYS C 11 -15.95 -18.74 4.99
N PRO C 12 -16.27 -19.28 3.80
CA PRO C 12 -16.49 -20.74 3.67
C PRO C 12 -15.20 -21.54 3.64
N LEU C 13 -15.28 -22.81 4.02
CA LEU C 13 -14.19 -23.75 3.79
C LEU C 13 -14.58 -24.77 2.75
N ASN C 15 -12.99 -27.36 1.92
CA ASN C 15 -12.36 -28.66 2.31
C ASN C 15 -13.36 -29.75 2.67
N ASP C 16 -12.88 -31.00 2.59
CA ASP C 16 -13.52 -32.14 3.21
C ASP C 16 -13.82 -31.77 4.68
N TYR C 17 -14.99 -32.19 5.16
CA TYR C 17 -15.52 -31.75 6.44
C TYR C 17 -16.27 -32.90 7.12
N GLN C 18 -15.96 -33.11 8.40
CA GLN C 18 -16.61 -34.12 9.22
C GLN C 18 -17.10 -33.52 10.51
N ILE C 19 -18.41 -33.64 10.73
CA ILE C 19 -19.04 -33.22 11.96
C ILE C 19 -18.69 -34.21 13.04
N LEU C 20 -18.29 -33.67 14.18
CA LEU C 20 -17.96 -34.44 15.37
C LEU C 20 -19.03 -34.20 16.42
N ASP C 21 -19.23 -35.22 17.24
CA ASP C 21 -19.98 -35.05 18.47
C ASP C 21 -19.05 -35.38 19.64
N LYS C 22 -18.59 -34.35 20.36
CA LYS C 22 -17.75 -34.54 21.53
C LYS C 22 -18.42 -34.02 22.78
N SER C 23 -19.75 -34.05 22.80
CA SER C 23 -20.52 -33.60 23.94
C SER C 23 -20.16 -34.36 25.22
N LYS C 24 -19.80 -35.64 25.12
CA LYS C 24 -19.50 -36.46 26.30
C LYS C 24 -18.24 -35.97 27.02
N ILE C 25 -17.18 -35.72 26.25
CA ILE C 25 -15.93 -35.21 26.84
C ILE C 25 -16.10 -33.77 27.34
N PHE C 26 -16.79 -32.93 26.59
CA PHE C 26 -17.12 -31.59 27.06
C PHE C 26 -17.92 -31.60 28.35
N GLY C 27 -18.77 -32.62 28.52
CA GLY C 27 -19.56 -32.78 29.73
C GLY C 27 -20.40 -31.56 30.01
N SER C 28 -20.14 -30.93 31.14
CA SER C 28 -20.89 -29.76 31.59
C SER C 28 -20.42 -28.44 30.97
N ASN C 29 -19.34 -28.50 30.20
CA ASN C 29 -18.78 -27.33 29.53
C ASN C 29 -19.39 -27.20 28.14
N SER C 30 -19.45 -25.98 27.65
CA SER C 30 -19.94 -25.73 26.30
C SER C 30 -18.91 -24.92 25.51
N GLY C 31 -18.94 -25.10 24.21
CA GLY C 31 -17.92 -24.54 23.33
C GLY C 31 -17.78 -25.38 22.08
N SER C 32 -16.57 -25.41 21.54
CA SER C 32 -16.34 -26.07 20.26
C SER C 32 -14.92 -26.61 20.19
N PHE C 33 -14.72 -27.52 19.25
CA PHE C 33 -13.45 -28.14 18.99
C PHE C 33 -13.29 -28.27 17.47
N VAL C 34 -12.16 -27.80 16.97
CA VAL C 34 -11.82 -27.78 15.57
C VAL C 34 -10.46 -28.48 15.39
N MET C 35 -10.38 -29.40 14.44
CA MET C 35 -9.11 -30.02 14.10
C MET C 35 -8.96 -30.10 12.59
N TYR C 36 -7.73 -29.87 12.11
CA TYR C 36 -7.40 -29.97 10.69
C TYR C 36 -6.29 -30.97 10.50
N SER C 37 -6.48 -31.94 9.59
CA SER C 37 -5.43 -32.89 9.19
C SER C 37 -4.66 -32.37 7.97
N MET C 38 -3.34 -32.35 8.05
CA MET C 38 -2.54 -31.86 6.93
C MET C 38 -2.61 -32.83 5.75
N LYS C 39 -2.55 -34.12 6.06
CA LYS C 39 -2.52 -35.20 5.08
C LYS C 39 -3.83 -35.28 4.29
N LYS C 40 -4.93 -35.28 5.02
CA LYS C 40 -6.27 -35.42 4.47
C LYS C 40 -6.88 -34.09 4.06
N ASP C 41 -6.18 -32.98 4.33
CA ASP C 41 -6.65 -31.63 4.01
C ASP C 41 -8.12 -31.48 4.41
N LYS C 42 -8.41 -31.91 5.63
CA LYS C 42 -9.77 -32.11 6.12
C LYS C 42 -10.00 -31.44 7.50
N TYR C 43 -11.16 -30.82 7.68
CA TYR C 43 -11.60 -30.29 8.97
C TYR C 43 -12.55 -31.24 9.70
N TYR C 44 -12.39 -31.33 11.00
CA TYR C 44 -13.25 -32.09 11.88
C TYR C 44 -13.71 -31.11 12.93
N ILE C 45 -15.02 -30.85 13.01
CA ILE C 45 -15.52 -29.82 13.92
C ILE C 45 -16.66 -30.32 14.76
N TYR C 46 -16.54 -30.13 16.07
CA TYR C 46 -17.64 -30.21 17.00
C TYR C 46 -18.17 -28.81 17.23
N ASN C 47 -19.45 -28.62 16.89
CA ASN C 47 -20.15 -27.34 17.03
C ASN C 47 -19.64 -26.25 16.10
N GLU C 48 -19.83 -26.47 14.81
CA GLU C 48 -19.32 -25.58 13.78
C GLU C 48 -19.85 -24.15 13.86
N LYS C 49 -21.13 -23.96 14.11
CA LYS C 49 -21.62 -22.58 14.16
C LYS C 49 -21.01 -21.85 15.35
N GLU C 50 -20.93 -22.50 16.50
CA GLU C 50 -20.24 -21.96 17.68
C GLU C 50 -18.73 -21.71 17.41
N SER C 51 -18.15 -22.59 16.62
CA SER C 51 -16.75 -22.48 16.21
C SER C 51 -16.47 -21.21 15.39
N ARG C 52 -17.52 -20.61 14.83
CA ARG C 52 -17.40 -19.40 14.03
C ARG C 52 -17.67 -18.12 14.83
N LYS C 53 -18.05 -18.25 16.09
CA LYS C 53 -18.25 -17.11 16.95
C LYS C 53 -16.90 -16.56 17.43
N ARG C 54 -16.75 -15.24 17.38
CA ARG C 54 -15.47 -14.63 17.76
C ARG C 54 -15.42 -14.20 19.23
N TYR C 55 -14.27 -14.49 19.83
CA TYR C 55 -13.96 -14.11 21.21
C TYR C 55 -12.55 -13.52 21.30
N SER C 56 -12.29 -12.77 22.38
CA SER C 56 -10.94 -12.28 22.64
C SER C 56 -9.94 -13.44 22.70
N PRO C 57 -8.80 -13.34 22.03
CA PRO C 57 -7.83 -14.45 22.08
C PRO C 57 -7.07 -14.59 23.39
N ASN C 58 -7.07 -13.54 24.21
CA ASN C 58 -6.26 -13.49 25.43
C ASN C 58 -4.85 -14.03 25.12
N SER C 59 -4.30 -14.89 25.97
CA SER C 59 -2.89 -15.24 25.84
C SER C 59 -2.57 -16.14 24.64
N THR C 60 -3.59 -16.66 23.95
CA THR C 60 -3.27 -17.33 22.67
C THR C 60 -2.65 -16.37 21.67
N TYR C 61 -2.94 -15.06 21.77
CA TYR C 61 -2.34 -14.10 20.87
C TYR C 61 -0.81 -13.95 21.10
N LYS C 62 -0.29 -14.41 22.24
CA LYS C 62 1.18 -14.44 22.43
C LYS C 62 1.91 -15.23 21.36
N ILE C 63 1.25 -16.21 20.73
CA ILE C 63 1.81 -16.89 19.54
C ILE C 63 2.24 -15.86 18.44
N TYR C 64 1.35 -14.92 18.18
CA TYR C 64 1.53 -13.94 17.13
C TYR C 64 2.47 -12.82 17.55
N LEU C 65 2.40 -12.39 18.79
CA LEU C 65 3.35 -11.38 19.28
C LEU C 65 4.77 -11.95 19.23
N ALA C 66 4.93 -13.25 19.47
CA ALA C 66 6.23 -13.89 19.34
C ALA C 66 6.66 -13.85 17.90
N MET C 67 5.80 -14.29 16.99
CA MET C 67 6.13 -14.26 15.57
C MET C 67 6.50 -12.85 15.11
N PHE C 68 5.73 -11.86 15.53
CA PHE C 68 6.00 -10.46 15.19
C PHE C 68 7.32 -9.96 15.80
N GLY C 69 7.59 -10.35 17.04
CA GLY C 69 8.84 -10.04 17.70
C GLY C 69 10.03 -10.59 16.93
N LEU C 70 9.92 -11.85 16.52
CA LEU C 70 10.95 -12.48 15.71
C LEU C 70 11.11 -11.84 14.34
N ASP C 71 9.98 -11.53 13.71
CA ASP C 71 9.97 -11.02 12.36
C ASP C 71 10.61 -9.65 12.32
N ARG C 72 10.35 -8.84 13.35
CA ARG C 72 10.85 -7.46 13.43
C ARG C 72 12.20 -7.36 14.12
N HIS C 73 12.77 -8.50 14.52
CA HIS C 73 14.07 -8.55 15.20
C HIS C 73 14.05 -7.95 16.60
N ILE C 74 12.89 -7.84 17.23
CA ILE C 74 12.82 -7.45 18.63
C ILE C 74 13.45 -8.56 19.47
N ILE C 75 13.26 -9.80 19.02
CA ILE C 75 13.96 -10.95 19.56
C ILE C 75 14.49 -11.78 18.39
N ASN C 76 15.54 -12.56 18.62
CA ASN C 76 16.07 -13.44 17.57
C ASN C 76 16.57 -14.76 18.14
N GLU C 78 19.60 -16.10 18.51
CA GLU C 78 20.74 -15.95 19.42
C GLU C 78 20.35 -15.32 20.76
N ASN C 79 19.40 -14.39 20.70
CA ASN C 79 19.07 -13.57 21.86
C ASN C 79 17.59 -13.16 21.84
N SER C 80 16.79 -13.87 22.64
CA SER C 80 15.40 -13.48 22.91
C SER C 80 15.20 -13.20 24.40
N ARG C 81 16.31 -13.02 25.13
CA ARG C 81 16.24 -12.79 26.57
C ARG C 81 15.75 -11.38 26.87
N MET C 82 15.29 -11.21 28.10
CA MET C 82 14.83 -9.94 28.62
C MET C 82 15.02 -9.96 30.13
N SER C 83 15.78 -8.99 30.63
CA SER C 83 16.02 -8.89 32.06
C SER C 83 14.71 -8.46 32.72
N TRP C 84 14.50 -8.99 33.93
CA TRP C 84 13.34 -8.67 34.75
C TRP C 84 13.22 -7.16 34.98
N HIS C 86 12.01 -4.70 37.01
CA HIS C 86 12.16 -5.10 38.44
C HIS C 86 10.84 -4.94 39.23
N LYS C 87 9.73 -5.33 38.60
CA LYS C 87 8.39 -5.14 39.13
C LYS C 87 7.85 -6.48 39.66
N HIS C 88 7.12 -6.45 40.76
CA HIS C 88 6.62 -7.69 41.36
C HIS C 88 5.33 -8.15 40.71
N TYR C 89 5.25 -9.45 40.46
CA TYR C 89 4.05 -10.08 39.93
C TYR C 89 3.66 -11.18 40.89
N PRO C 90 2.39 -11.57 40.88
CA PRO C 90 1.90 -12.61 41.81
C PRO C 90 2.34 -14.05 41.45
N PHE C 91 3.10 -14.23 40.38
CA PHE C 91 3.67 -15.54 40.06
C PHE C 91 5.18 -15.44 40.07
N ASP C 92 5.83 -16.28 40.87
CA ASP C 92 7.27 -16.15 41.03
C ASP C 92 8.03 -16.38 39.72
N ALA C 93 7.48 -17.25 38.87
CA ALA C 93 8.03 -17.50 37.53
C ALA C 93 8.12 -16.24 36.65
N TRP C 94 7.28 -15.25 36.91
CA TRP C 94 7.36 -13.97 36.21
C TRP C 94 8.41 -13.02 36.76
N ASN C 95 8.83 -13.26 38.00
CA ASN C 95 9.70 -12.33 38.74
C ASN C 95 11.18 -12.63 38.52
N LYS C 96 11.56 -12.68 37.25
CA LYS C 96 12.91 -13.08 36.86
C LYS C 96 13.14 -12.82 35.38
N GLU C 97 14.41 -12.90 34.99
CA GLU C 97 14.80 -12.92 33.59
C GLU C 97 13.94 -13.91 32.81
N GLN C 98 13.70 -13.60 31.53
CA GLN C 98 12.94 -14.47 30.63
C GLN C 98 13.62 -14.59 29.28
N ASP C 99 13.39 -15.70 28.59
CA ASP C 99 13.55 -15.74 27.14
C ASP C 99 12.22 -16.20 26.53
N LEU C 100 12.17 -16.35 25.22
CA LEU C 100 10.89 -16.72 24.59
C LEU C 100 10.36 -18.02 25.19
N ASN C 101 11.24 -19.01 25.38
CA ASN C 101 10.79 -20.28 25.94
C ASN C 101 10.09 -20.18 27.31
N THR C 102 10.72 -19.50 28.27
CA THR C 102 10.14 -19.40 29.60
C THR C 102 8.92 -18.49 29.58
N ALA C 103 9.01 -17.45 28.76
CA ALA C 103 7.93 -16.47 28.67
C ALA C 103 6.67 -17.13 28.12
N MET C 104 6.81 -17.97 27.11
CA MET C 104 5.65 -18.63 26.52
C MET C 104 5.06 -19.66 27.47
N GLN C 105 5.96 -20.44 28.08
CA GLN C 105 5.58 -21.56 28.96
C GLN C 105 4.78 -21.05 30.18
N ASN C 106 5.26 -19.96 30.75
CA ASN C 106 4.66 -19.42 31.96
C ASN C 106 3.76 -18.23 31.62
N SER C 107 3.56 -17.98 30.32
CA SER C 107 2.63 -16.95 29.81
C SER C 107 2.88 -15.62 30.51
N VAL C 108 4.10 -15.13 30.35
CA VAL C 108 4.57 -13.98 31.11
C VAL C 108 4.10 -12.72 30.44
N ASN C 109 3.05 -12.10 30.97
CA ASN C 109 2.45 -10.95 30.28
C ASN C 109 3.45 -9.85 29.93
N TRP C 110 4.33 -9.48 30.87
CA TRP C 110 5.19 -8.33 30.64
C TRP C 110 6.19 -8.49 29.50
N TYR C 111 6.69 -9.71 29.31
CA TYR C 111 7.58 -10.02 28.20
C TYR C 111 6.92 -9.69 26.86
N PHE C 112 5.69 -10.17 26.66
CA PHE C 112 5.02 -9.92 25.42
C PHE C 112 4.52 -8.48 25.31
N GLU C 113 4.20 -7.86 26.44
CA GLU C 113 3.87 -6.43 26.45
C GLU C 113 5.08 -5.60 26.01
N ARG C 114 6.29 -5.98 26.43
CA ARG C 114 7.50 -5.30 25.97
C ARG C 114 7.71 -5.41 24.46
N ILE C 115 7.41 -6.58 23.90
CA ILE C 115 7.48 -6.77 22.45
C ILE C 115 6.46 -5.90 21.74
N SER C 116 5.24 -5.92 22.25
CA SER C 116 4.12 -5.24 21.58
C SER C 116 4.36 -3.73 21.59
N ASP C 117 4.86 -3.23 22.73
CA ASP C 117 5.17 -1.79 22.92
C ASP C 117 6.03 -1.26 21.77
N GLN C 118 6.88 -2.11 21.24
CA GLN C 118 7.80 -1.73 20.17
C GLN C 118 7.23 -1.87 18.77
N ILE C 119 6.03 -2.44 18.62
CA ILE C 119 5.49 -2.71 17.30
C ILE C 119 4.53 -1.60 16.89
N PRO C 120 4.79 -0.95 15.75
CA PRO C 120 3.89 0.11 15.26
C PRO C 120 2.50 -0.44 14.93
N LYS C 121 1.46 0.32 15.22
CA LYS C 121 0.09 -0.05 14.85
C LYS C 121 0.01 -0.46 13.39
N ASN C 122 0.65 0.31 12.52
CA ASN C 122 0.54 0.07 11.07
C ASN C 122 1.08 -1.31 10.67
N TYR C 123 2.14 -1.76 11.33
CA TYR C 123 2.68 -3.10 11.05
C TYR C 123 1.69 -4.20 11.46
N THR C 124 1.15 -4.06 12.66
CA THR C 124 0.21 -5.03 13.20
C THR C 124 -1.06 -5.13 12.34
N ALA C 125 -1.61 -3.98 11.97
CA ALA C 125 -2.77 -3.92 11.08
C ALA C 125 -2.51 -4.69 9.79
N THR C 126 -1.33 -4.53 9.24
CA THR C 126 -0.98 -5.20 7.99
C THR C 126 -0.88 -6.71 8.19
N GLN C 127 -0.32 -7.11 9.33
CA GLN C 127 -0.14 -8.53 9.61
C GLN C 127 -1.48 -9.21 9.82
N LEU C 128 -2.37 -8.56 10.56
CA LEU C 128 -3.68 -9.15 10.83
C LEU C 128 -4.51 -9.27 9.54
N LYS C 129 -4.35 -8.30 8.64
CA LYS C 129 -5.00 -8.37 7.34
C LYS C 129 -4.48 -9.56 6.56
N GLN C 130 -3.16 -9.70 6.52
CA GLN C 130 -2.54 -10.76 5.73
C GLN C 130 -2.86 -12.15 6.29
N LEU C 131 -2.90 -12.25 7.62
CA LEU C 131 -3.20 -13.51 8.31
C LEU C 131 -4.69 -13.84 8.38
N ASN C 132 -5.54 -12.88 8.02
CA ASN C 132 -6.98 -12.97 8.25
C ASN C 132 -7.32 -13.24 9.73
N TYR C 133 -6.73 -12.44 10.61
CA TYR C 133 -6.89 -12.62 12.04
C TYR C 133 -8.19 -12.01 12.53
N GLY C 134 -9.26 -12.78 12.44
CA GLY C 134 -10.51 -12.40 13.10
C GLY C 134 -11.07 -11.08 12.62
N ASN C 135 -11.60 -10.30 13.57
CA ASN C 135 -12.17 -9.00 13.25
C ASN C 135 -11.13 -7.94 12.98
N LYS C 136 -9.87 -8.27 13.29
CA LYS C 136 -8.74 -7.38 13.03
C LYS C 136 -8.87 -6.03 13.72
N ASN C 137 -9.61 -6.00 14.83
CA ASN C 137 -9.92 -4.75 15.53
C ASN C 137 -8.88 -4.47 16.60
N LEU C 138 -8.01 -3.52 16.34
CA LEU C 138 -6.95 -3.15 17.28
C LEU C 138 -7.37 -2.16 18.36
N GLY C 139 -8.52 -1.49 18.19
CA GLY C 139 -9.06 -0.68 19.28
C GLY C 139 -8.06 0.39 19.68
N SER C 140 -7.92 0.61 20.98
CA SER C 140 -6.98 1.60 21.49
C SER C 140 -5.52 1.12 21.43
N TYR C 141 -5.27 -0.09 20.94
CA TYR C 141 -3.90 -0.60 20.69
C TYR C 141 -3.04 -0.54 21.95
N LYS C 142 -3.61 -0.96 23.06
CA LYS C 142 -2.85 -1.22 24.28
C LYS C 142 -2.73 -2.75 24.40
N SER C 143 -3.29 -3.38 25.43
CA SER C 143 -3.27 -4.84 25.47
C SER C 143 -4.56 -5.30 24.78
N TYR C 144 -4.64 -5.00 23.49
CA TYR C 144 -5.85 -5.16 22.69
C TYR C 144 -6.33 -6.61 22.58
N TRP C 145 -5.45 -7.56 22.90
CA TRP C 145 -5.73 -8.97 22.75
C TRP C 145 -6.26 -9.56 24.05
N MET C 146 -6.26 -8.77 25.13
CA MET C 146 -6.72 -9.24 26.44
C MET C 146 -8.08 -8.66 26.80
N GLU C 147 -9.13 -9.45 26.54
CA GLU C 147 -10.53 -9.12 26.83
C GLU C 147 -10.86 -7.70 26.40
N ASP C 148 -10.52 -7.39 25.15
CA ASP C 148 -10.69 -6.06 24.59
C ASP C 148 -11.23 -6.14 23.14
N SER C 149 -10.66 -5.37 22.22
CA SER C 149 -11.26 -5.17 20.90
C SER C 149 -11.08 -6.34 19.94
N LEU C 150 -9.91 -6.97 20.01
CA LEU C 150 -9.52 -7.98 19.03
C LEU C 150 -10.21 -9.29 19.38
N LYS C 151 -10.83 -9.90 18.37
CA LYS C 151 -11.60 -11.13 18.53
C LYS C 151 -11.37 -12.08 17.33
N ILE C 152 -11.41 -13.36 17.63
CA ILE C 152 -11.18 -14.42 16.66
C ILE C 152 -12.02 -15.63 17.03
N SER C 153 -12.41 -16.43 16.04
CA SER C 153 -13.22 -17.61 16.30
C SER C 153 -12.33 -18.85 16.46
N ASN C 154 -12.89 -19.92 16.98
CA ASN C 154 -12.17 -21.15 17.19
C ASN C 154 -11.73 -21.73 15.85
N LEU C 155 -12.62 -21.69 14.88
CA LEU C 155 -12.29 -22.14 13.53
C LEU C 155 -11.14 -21.30 12.96
N GLU C 156 -11.23 -19.98 13.10
CA GLU C 156 -10.15 -19.11 12.64
C GLU C 156 -8.82 -19.37 13.32
N GLN C 157 -8.87 -19.71 14.60
CA GLN C 157 -7.64 -19.97 15.34
C GLN C 157 -6.84 -21.10 14.68
N VAL C 158 -7.55 -22.11 14.19
CA VAL C 158 -6.91 -23.23 13.49
C VAL C 158 -6.44 -22.82 12.10
N ILE C 159 -7.33 -22.21 11.31
CA ILE C 159 -6.97 -21.81 9.96
C ILE C 159 -5.78 -20.85 9.90
N VAL C 160 -5.84 -19.80 10.70
CA VAL C 160 -4.82 -18.77 10.77
C VAL C 160 -3.47 -19.33 11.21
N PHE C 161 -3.45 -20.10 12.28
CA PHE C 161 -2.21 -20.69 12.79
C PHE C 161 -1.64 -21.69 11.78
N LYS C 162 -2.46 -22.58 11.26
CA LYS C 162 -2.01 -23.55 10.24
C LYS C 162 -1.39 -22.82 9.04
N ASN C 163 -2.08 -21.77 8.57
CA ASN C 163 -1.60 -21.01 7.41
C ASN C 163 -0.33 -20.26 7.70
N MET C 164 -0.25 -19.61 8.84
CA MET C 164 0.97 -18.92 9.19
C MET C 164 2.16 -19.88 9.17
N MET C 165 1.96 -21.07 9.74
CA MET C 165 3.08 -21.98 9.92
C MET C 165 3.39 -22.79 8.66
N GLU C 166 2.37 -23.12 7.88
CA GLU C 166 2.52 -24.11 6.79
C GLU C 166 2.68 -23.52 5.39
N GLN C 167 2.10 -22.36 5.17
CA GLN C 167 2.16 -21.71 3.86
C GLN C 167 3.57 -21.22 3.56
N ASN C 168 3.88 -21.24 2.26
CA ASN C 168 5.16 -20.81 1.71
C ASN C 168 5.13 -19.30 1.70
N ASN C 169 5.30 -18.74 2.89
CA ASN C 169 4.95 -17.34 3.17
C ASN C 169 6.14 -16.57 3.73
N HIS C 170 5.93 -15.33 4.14
CA HIS C 170 7.05 -14.41 4.44
C HIS C 170 7.71 -14.53 5.82
N PHE C 171 7.21 -15.44 6.66
CA PHE C 171 7.85 -15.69 7.94
C PHE C 171 8.97 -16.67 7.73
N SER C 172 10.16 -16.34 8.24
CA SER C 172 11.30 -17.21 8.06
C SER C 172 11.11 -18.59 8.69
N LYS C 173 11.74 -19.57 8.09
CA LYS C 173 11.81 -20.90 8.69
C LYS C 173 12.40 -20.84 10.12
N LYS C 174 13.45 -20.04 10.30
CA LYS C 174 14.07 -19.82 11.62
C LYS C 174 13.05 -19.36 12.66
N ALA C 175 12.22 -18.42 12.24
CA ALA C 175 11.24 -17.84 13.15
C ALA C 175 10.18 -18.88 13.49
N LYS C 176 9.66 -19.58 12.49
CA LYS C 176 8.69 -20.66 12.72
C LYS C 176 9.25 -21.68 13.68
N ASN C 177 10.51 -22.06 13.47
CA ASN C 177 11.15 -23.08 14.28
C ASN C 177 11.31 -22.62 15.72
N GLN C 178 11.67 -21.36 15.92
CA GLN C 178 11.91 -20.83 17.26
C GLN C 178 10.57 -20.71 17.99
N LEU C 179 9.55 -20.29 17.25
CA LEU C 179 8.21 -20.25 17.81
C LEU C 179 7.71 -21.66 18.19
N SER C 180 7.86 -22.64 17.31
CA SER C 180 7.44 -24.02 17.62
C SER C 180 8.12 -24.49 18.90
N SER C 181 9.42 -24.23 19.01
CA SER C 181 10.20 -24.69 20.16
C SER C 181 9.60 -24.14 21.45
N SER C 182 9.16 -22.88 21.42
CA SER C 182 8.58 -22.22 22.59
C SER C 182 7.21 -22.77 23.01
N LEU C 183 6.53 -23.47 22.08
CA LEU C 183 5.16 -23.94 22.27
C LEU C 183 5.11 -25.43 22.58
N LEU C 184 6.27 -26.09 22.60
CA LEU C 184 6.30 -27.54 22.84
C LEU C 184 5.88 -27.86 24.25
N ILE C 185 4.86 -28.70 24.37
CA ILE C 185 4.37 -29.12 25.69
C ILE C 185 4.72 -30.56 26.02
N LYS C 186 4.53 -31.46 25.07
CA LYS C 186 4.81 -32.87 25.30
C LYS C 186 5.48 -33.50 24.10
N LYS C 187 6.45 -34.38 24.36
CA LYS C 187 7.05 -35.17 23.31
C LYS C 187 7.30 -36.57 23.83
N ASN C 188 6.99 -37.53 22.99
CA ASN C 188 7.20 -38.93 23.32
C ASN C 188 7.36 -39.68 22.01
N GLU C 189 7.41 -41.01 22.06
CA GLU C 189 7.61 -41.79 20.85
C GLU C 189 6.41 -41.75 19.90
N LYS C 190 5.22 -41.49 20.44
CA LYS C 190 3.99 -41.47 19.61
C LYS C 190 3.65 -40.10 19.02
N TYR C 191 4.02 -39.02 19.72
CA TYR C 191 3.63 -37.68 19.27
C TYR C 191 4.38 -36.55 19.91
N GLU C 192 4.21 -35.38 19.32
CA GLU C 192 4.80 -34.14 19.78
C GLU C 192 3.65 -33.14 19.82
N LEU C 193 3.31 -32.62 20.99
CA LEU C 193 2.16 -31.73 21.16
C LEU C 193 2.63 -30.34 21.50
N TYR C 194 2.12 -29.35 20.76
CA TYR C 194 2.47 -27.94 20.89
C TYR C 194 1.20 -27.18 21.16
N GLY C 195 1.24 -26.12 21.93
CA GLY C 195 0.08 -25.28 22.05
C GLY C 195 0.21 -24.19 23.08
N LYS C 196 -0.85 -23.39 23.17
CA LYS C 196 -0.91 -22.25 24.09
C LYS C 196 -2.31 -22.07 24.67
N THR C 197 -2.37 -21.86 25.99
CA THR C 197 -3.61 -21.54 26.66
C THR C 197 -3.96 -20.06 26.60
N GLY C 198 -5.25 -19.80 26.80
CA GLY C 198 -5.76 -18.46 26.93
C GLY C 198 -6.94 -18.51 27.89
N THR C 199 -7.10 -17.46 28.69
CA THR C 199 -8.19 -17.38 29.66
C THR C 199 -8.65 -15.92 29.78
N GLY C 200 -9.96 -15.71 29.68
CA GLY C 200 -10.55 -14.41 29.97
C GLY C 200 -11.34 -14.57 31.25
N ILE C 201 -11.13 -13.65 32.18
CA ILE C 201 -11.89 -13.60 33.43
C ILE C 201 -12.54 -12.22 33.45
N VAL C 202 -13.86 -12.20 33.63
CA VAL C 202 -14.60 -10.95 33.78
C VAL C 202 -15.41 -11.01 35.07
N TYR C 206 -14.29 -17.21 35.39
CA TYR C 206 -13.91 -17.75 34.05
C TYR C 206 -15.04 -17.53 33.04
N ASN C 207 -14.73 -16.97 31.87
CA ASN C 207 -15.77 -16.79 30.85
C ASN C 207 -15.38 -17.05 29.36
N ASN C 208 -14.16 -17.52 29.13
CA ASN C 208 -13.56 -17.58 27.80
C ASN C 208 -12.25 -18.36 27.92
N GLY C 209 -12.28 -19.65 27.60
CA GLY C 209 -11.11 -20.52 27.69
C GLY C 209 -10.65 -20.99 26.32
N TRP C 210 -9.34 -20.96 26.10
CA TRP C 210 -8.76 -21.40 24.86
C TRP C 210 -7.63 -22.39 25.07
N PHE C 211 -7.50 -23.33 24.13
CA PHE C 211 -6.22 -23.99 23.91
C PHE C 211 -6.06 -24.18 22.39
N VAL C 212 -4.97 -23.64 21.83
CA VAL C 212 -4.70 -23.65 20.39
C VAL C 212 -3.36 -24.33 20.19
N GLY C 213 -3.27 -25.28 19.28
CA GLY C 213 -1.99 -25.90 19.03
C GLY C 213 -1.95 -26.84 17.85
N TYR C 214 -0.94 -27.68 17.87
CA TYR C 214 -0.82 -28.69 16.83
C TYR C 214 -0.11 -29.88 17.38
N VAL C 215 -0.31 -31.01 16.74
CA VAL C 215 0.36 -32.24 17.17
C VAL C 215 0.94 -32.95 15.93
N ILE C 216 2.20 -33.37 16.04
CA ILE C 216 2.87 -34.15 15.00
C ILE C 216 2.89 -35.59 15.46
N THR C 217 2.34 -36.48 14.64
CA THR C 217 2.42 -37.92 14.92
C THR C 217 3.31 -38.56 13.86
N ASN C 218 3.45 -39.88 13.93
CA ASN C 218 4.26 -40.60 12.94
C ASN C 218 3.64 -40.62 11.53
N HIS C 219 2.34 -40.31 11.44
CA HIS C 219 1.58 -40.42 10.20
C HIS C 219 0.99 -39.12 9.64
N ASP C 220 0.83 -38.13 10.51
CA ASP C 220 0.19 -36.88 10.13
C ASP C 220 0.58 -35.71 11.06
N LYS C 221 0.03 -34.55 10.78
CA LYS C 221 0.19 -33.35 11.61
C LYS C 221 -1.18 -32.71 11.68
N TYR C 222 -1.67 -32.46 12.90
CA TYR C 222 -2.99 -31.87 13.06
C TYR C 222 -2.90 -30.54 13.77
N TYR C 223 -3.58 -29.53 13.23
CA TYR C 223 -3.79 -28.27 13.94
C TYR C 223 -5.15 -28.35 14.62
N PHE C 224 -5.28 -27.81 15.83
CA PHE C 224 -6.54 -27.94 16.56
C PHE C 224 -6.70 -26.78 17.52
N ALA C 225 -7.94 -26.56 17.95
CA ALA C 225 -8.20 -25.65 19.03
C ALA C 225 -9.50 -25.99 19.70
N THR C 226 -9.54 -25.77 21.00
CA THR C 226 -10.74 -25.84 21.82
C THR C 226 -11.04 -24.46 22.34
N HIS C 227 -12.29 -24.05 22.17
CA HIS C 227 -12.82 -22.92 22.91
C HIS C 227 -13.96 -23.30 23.81
N LEU C 228 -13.95 -22.74 25.01
CA LEU C 228 -14.98 -22.97 26.01
C LEU C 228 -15.63 -21.65 26.30
N SER C 229 -16.96 -21.65 26.28
CA SER C 229 -17.70 -20.41 26.54
C SER C 229 -18.53 -20.44 27.81
N ASP C 230 -18.73 -21.64 28.35
CA ASP C 230 -19.56 -21.83 29.57
C ASP C 230 -19.17 -23.10 30.33
N GLY C 231 -19.62 -23.19 31.59
CA GLY C 231 -19.29 -24.30 32.46
C GLY C 231 -18.14 -23.86 33.34
N LYS C 232 -16.95 -24.35 33.02
CA LYS C 232 -15.70 -23.89 33.60
C LYS C 232 -14.74 -23.52 32.45
N PRO C 233 -14.96 -22.38 31.79
CA PRO C 233 -14.24 -22.04 30.55
C PRO C 233 -12.89 -21.38 30.78
N SER C 234 -11.93 -22.18 31.22
CA SER C 234 -10.57 -21.73 31.44
C SER C 234 -9.68 -22.35 30.39
N GLY C 235 -8.51 -21.74 30.18
CA GLY C 235 -7.50 -22.31 29.32
C GLY C 235 -7.04 -23.69 29.74
N LYS C 236 -6.83 -23.91 31.04
CA LYS C 236 -6.42 -25.24 31.52
C LYS C 236 -7.46 -26.29 31.18
N ASN C 237 -8.73 -25.96 31.34
CA ASN C 237 -9.77 -26.92 31.04
C ASN C 237 -9.89 -27.16 29.54
N ALA C 238 -9.63 -26.12 28.76
CA ALA C 238 -9.67 -26.20 27.30
C ALA C 238 -8.54 -27.11 26.83
N GLU C 239 -7.38 -27.01 27.46
CA GLU C 239 -6.25 -27.90 27.12
C GLU C 239 -6.54 -29.37 27.48
N LEU C 240 -7.05 -29.60 28.70
CA LEU C 240 -7.49 -30.95 29.11
C LEU C 240 -8.49 -31.58 28.12
N ILE C 241 -9.52 -30.83 27.75
CA ILE C 241 -10.53 -31.30 26.80
C ILE C 241 -9.88 -31.59 25.45
N SER C 242 -8.97 -30.73 25.01
CA SER C 242 -8.28 -30.95 23.74
C SER C 242 -7.53 -32.26 23.79
N GLU C 243 -6.79 -32.48 24.84
CA GLU C 243 -5.91 -33.64 24.92
C GLU C 243 -6.75 -34.92 25.04
N LYS C 244 -7.85 -34.81 25.76
CA LYS C 244 -8.83 -35.91 25.90
C LYS C 244 -9.45 -36.27 24.55
N ILE C 245 -9.83 -35.27 23.76
CA ILE C 245 -10.43 -35.53 22.47
C ILE C 245 -9.41 -36.17 21.51
N LEU C 246 -8.20 -35.60 21.46
CA LEU C 246 -7.15 -36.13 20.61
C LEU C 246 -6.92 -37.62 20.92
N LYS C 247 -6.91 -37.97 22.20
CA LYS C 247 -6.70 -39.35 22.64
C LYS C 247 -7.85 -40.24 22.18
N GLU C 248 -9.05 -39.79 22.49
CA GLU C 248 -10.26 -40.50 22.07
C GLU C 248 -10.40 -40.66 20.54
N MET C 249 -9.88 -39.73 19.74
CA MET C 249 -9.99 -39.81 18.28
C MET C 249 -8.90 -40.68 17.64
N GLY C 250 -7.95 -41.15 18.45
CA GLY C 250 -6.89 -42.06 18.01
C GLY C 250 -5.66 -41.34 17.49
N VAL C 251 -5.60 -40.03 17.72
CA VAL C 251 -4.53 -39.21 17.18
C VAL C 251 -3.19 -39.48 17.89
N LEU C 252 -3.25 -39.81 19.18
CA LEU C 252 -2.06 -40.01 20.03
C LEU C 252 -1.59 -41.47 20.18
N ASN C 253 -2.16 -42.41 19.44
CA ASN C 253 -1.82 -43.83 19.64
C ASN C 253 -0.80 -44.36 18.62
N TYR D 7 28.49 27.05 -26.19
CA TYR D 7 28.17 26.59 -24.81
C TYR D 7 26.74 27.02 -24.43
N ASN D 8 26.32 26.66 -23.22
CA ASN D 8 24.98 26.97 -22.75
C ASN D 8 24.95 28.20 -21.85
N TYR D 9 23.74 28.69 -21.55
CA TYR D 9 23.58 29.95 -20.82
C TYR D 9 24.03 29.80 -19.39
N LYS D 10 24.88 30.71 -18.94
CA LYS D 10 25.53 30.59 -17.64
C LYS D 10 25.43 31.83 -16.74
N LYS D 11 24.94 32.95 -17.28
CA LYS D 11 24.83 34.16 -16.47
C LYS D 11 23.77 33.98 -15.40
N PRO D 12 24.10 34.25 -14.14
CA PRO D 12 23.11 34.11 -13.06
C PRO D 12 22.07 35.22 -13.15
N LEU D 13 20.89 35.01 -12.57
CA LEU D 13 19.86 36.03 -12.53
C LEU D 13 20.15 37.05 -11.43
N HIS D 14 19.49 38.21 -11.48
CA HIS D 14 19.61 39.24 -10.44
C HIS D 14 19.20 38.69 -9.08
N ASN D 15 18.03 38.05 -9.05
CA ASN D 15 17.45 37.52 -7.82
C ASN D 15 17.33 36.02 -7.87
N ASP D 16 17.18 35.41 -6.71
CA ASP D 16 16.86 33.99 -6.65
C ASP D 16 15.53 33.68 -7.39
N TYR D 17 15.58 32.64 -8.21
CA TYR D 17 14.42 32.22 -8.98
C TYR D 17 13.55 31.35 -8.08
N GLN D 18 12.24 31.39 -8.30
CA GLN D 18 11.33 30.51 -7.59
C GLN D 18 11.20 29.21 -8.37
N ILE D 19 11.48 28.10 -7.70
CA ILE D 19 11.39 26.80 -8.29
C ILE D 19 9.93 26.44 -8.52
N LEU D 20 9.61 26.00 -9.72
CA LEU D 20 8.27 25.52 -10.04
C LEU D 20 8.35 24.02 -10.28
N ASP D 21 7.26 23.34 -10.01
CA ASP D 21 7.08 21.94 -10.39
C ASP D 21 5.80 21.80 -11.21
N LYS D 22 5.96 21.80 -12.53
CA LYS D 22 4.85 21.66 -13.45
C LYS D 22 4.89 20.31 -14.15
N SER D 23 5.41 19.31 -13.46
CA SER D 23 5.44 17.93 -13.96
C SER D 23 4.08 17.38 -14.38
N LYS D 24 3.04 17.63 -13.60
CA LYS D 24 1.72 17.13 -13.94
C LYS D 24 1.23 17.64 -15.29
N ILE D 25 1.40 18.94 -15.53
CA ILE D 25 0.88 19.58 -16.73
C ILE D 25 1.73 19.16 -17.93
N PHE D 26 3.04 19.05 -17.72
CA PHE D 26 3.99 18.59 -18.76
C PHE D 26 3.72 17.13 -19.17
N GLY D 27 3.28 16.29 -18.25
CA GLY D 27 2.95 14.90 -18.54
C GLY D 27 4.08 14.17 -19.22
N SER D 28 3.77 13.57 -20.35
CA SER D 28 4.75 12.77 -21.09
C SER D 28 5.67 13.65 -21.96
N ASN D 29 5.47 14.96 -21.89
CA ASN D 29 6.37 15.94 -22.53
C ASN D 29 7.53 16.36 -21.64
N SER D 30 8.68 16.64 -22.24
CA SER D 30 9.80 17.17 -21.49
C SER D 30 10.22 18.53 -22.01
N GLY D 31 10.87 19.30 -21.15
CA GLY D 31 11.31 20.63 -21.47
C GLY D 31 11.30 21.51 -20.26
N SER D 32 11.01 22.80 -20.46
CA SER D 32 11.03 23.76 -19.37
C SER D 32 10.02 24.88 -19.56
N PHE D 33 9.75 25.58 -18.46
CA PHE D 33 8.88 26.77 -18.46
C PHE D 33 9.50 27.84 -17.57
N VAL D 34 9.50 29.06 -18.06
CA VAL D 34 10.09 30.20 -17.37
C VAL D 34 9.06 31.33 -17.44
N MET D 35 8.85 32.02 -16.33
CA MET D 35 7.96 33.18 -16.31
C MET D 35 8.67 34.26 -15.53
N TYR D 36 8.45 35.50 -15.92
CA TYR D 36 9.03 36.63 -15.20
C TYR D 36 7.92 37.62 -14.90
N SER D 37 7.81 38.07 -13.65
CA SER D 37 6.86 39.10 -13.26
C SER D 37 7.57 40.47 -13.24
N MET D 38 7.00 41.43 -13.97
CA MET D 38 7.53 42.79 -13.99
C MET D 38 7.46 43.47 -12.60
N LYS D 39 6.33 43.29 -11.93
CA LYS D 39 6.09 43.91 -10.60
C LYS D 39 7.09 43.39 -9.55
N LYS D 40 7.39 42.10 -9.56
CA LYS D 40 8.27 41.51 -8.54
C LYS D 40 9.72 41.33 -8.98
N ASP D 41 10.02 41.56 -10.26
CA ASP D 41 11.34 41.28 -10.80
C ASP D 41 11.81 39.88 -10.36
N LYS D 42 10.91 38.92 -10.56
CA LYS D 42 11.13 37.56 -10.13
C LYS D 42 10.91 36.61 -11.29
N TYR D 43 11.83 35.67 -11.46
CA TYR D 43 11.69 34.57 -12.37
C TYR D 43 11.15 33.36 -11.61
N TYR D 44 10.30 32.61 -12.29
CA TYR D 44 9.75 31.35 -11.82
C TYR D 44 10.11 30.35 -12.89
N ILE D 45 10.78 29.27 -12.51
CA ILE D 45 11.31 28.33 -13.48
C ILE D 45 10.99 26.89 -13.13
N TYR D 46 10.41 26.16 -14.08
CA TYR D 46 10.36 24.72 -14.04
C TYR D 46 11.49 24.09 -14.85
N ASN D 47 12.30 23.25 -14.22
CA ASN D 47 13.47 22.65 -14.84
C ASN D 47 14.50 23.68 -15.26
N GLU D 48 15.16 24.26 -14.26
CA GLU D 48 16.09 25.37 -14.47
C GLU D 48 17.34 24.99 -15.28
N LYS D 49 17.89 23.81 -15.03
CA LYS D 49 19.06 23.37 -15.78
C LYS D 49 18.71 23.29 -17.27
N GLU D 50 17.58 22.65 -17.53
CA GLU D 50 17.08 22.49 -18.89
C GLU D 50 16.76 23.85 -19.53
N SER D 51 16.28 24.78 -18.70
CA SER D 51 15.92 26.14 -19.14
C SER D 51 17.14 26.92 -19.63
N ARG D 52 18.36 26.47 -19.28
CA ARG D 52 19.58 27.13 -19.73
C ARG D 52 20.23 26.47 -20.96
N LYS D 53 19.68 25.36 -21.45
CA LYS D 53 20.23 24.71 -22.65
C LYS D 53 19.77 25.43 -23.90
N ARG D 54 20.67 25.65 -24.85
CA ARG D 54 20.34 26.43 -26.04
C ARG D 54 19.84 25.58 -27.19
N TYR D 55 18.76 26.07 -27.79
CA TYR D 55 18.17 25.43 -28.96
C TYR D 55 17.89 26.45 -30.07
N SER D 56 17.73 25.98 -31.30
CA SER D 56 17.29 26.85 -32.38
C SER D 56 15.97 27.51 -32.02
N PRO D 57 15.84 28.83 -32.20
CA PRO D 57 14.56 29.49 -31.89
C PRO D 57 13.43 29.17 -32.89
N ASN D 58 13.80 28.69 -34.08
CA ASN D 58 12.86 28.53 -35.17
C ASN D 58 12.00 29.77 -35.31
N SER D 59 10.69 29.61 -35.48
CA SER D 59 9.85 30.73 -35.85
C SER D 59 9.66 31.74 -34.71
N THR D 60 10.09 31.43 -33.48
CA THR D 60 10.05 32.47 -32.44
C THR D 60 10.94 33.64 -32.83
N TYR D 61 11.98 33.37 -33.64
CA TYR D 61 12.87 34.43 -34.08
C TYR D 61 12.20 35.41 -35.02
N LYS D 62 11.05 35.06 -35.56
CA LYS D 62 10.25 36.02 -36.31
C LYS D 62 9.91 37.28 -35.53
N ILE D 63 9.86 37.19 -34.20
CA ILE D 63 9.67 38.36 -33.35
C ILE D 63 10.76 39.40 -33.61
N TYR D 64 12.00 38.93 -33.66
CA TYR D 64 13.16 39.79 -33.82
C TYR D 64 13.31 40.24 -35.28
N LEU D 65 13.04 39.36 -36.25
CA LEU D 65 13.06 39.79 -37.65
C LEU D 65 12.06 40.93 -37.84
N ALA D 66 10.86 40.82 -37.26
CA ALA D 66 9.88 41.90 -37.32
C ALA D 66 10.39 43.17 -36.69
N MET D 67 10.98 43.08 -35.50
CA MET D 67 11.54 44.26 -34.86
C MET D 67 12.64 44.93 -35.70
N PHE D 68 13.48 44.13 -36.35
CA PHE D 68 14.60 44.67 -37.12
C PHE D 68 14.07 45.32 -38.38
N GLY D 69 13.07 44.68 -38.98
CA GLY D 69 12.40 45.22 -40.16
C GLY D 69 11.78 46.58 -39.87
N LEU D 70 11.22 46.73 -38.67
CA LEU D 70 10.62 48.00 -38.29
C LEU D 70 11.70 49.03 -37.98
N ASP D 71 12.74 48.62 -37.28
CA ASP D 71 13.83 49.50 -36.88
C ASP D 71 14.61 50.03 -38.09
N ARG D 72 14.61 49.26 -39.17
CA ARG D 72 15.33 49.60 -40.41
C ARG D 72 14.41 50.15 -41.51
N HIS D 73 13.11 50.25 -41.18
CA HIS D 73 12.10 50.86 -42.04
C HIS D 73 11.86 50.09 -43.35
N ILE D 74 12.21 48.80 -43.33
CA ILE D 74 11.85 47.88 -44.40
C ILE D 74 10.34 47.65 -44.40
N ILE D 75 9.76 47.56 -43.21
CA ILE D 75 8.31 47.63 -43.03
C ILE D 75 8.02 48.78 -42.07
N ASN D 76 6.79 49.28 -42.11
CA ASN D 76 6.41 50.42 -41.28
C ASN D 76 4.98 50.35 -40.79
N SER D 80 3.57 48.22 -44.20
CA SER D 80 4.23 46.91 -43.93
C SER D 80 3.74 45.79 -44.86
N ARG D 81 3.02 46.16 -45.92
CA ARG D 81 2.55 45.19 -46.92
C ARG D 81 3.73 44.63 -47.74
N MET D 82 3.52 43.46 -48.35
CA MET D 82 4.58 42.77 -49.11
C MET D 82 4.00 41.76 -50.10
N TRP D 84 3.80 39.41 -52.50
CA TRP D 84 3.75 37.96 -52.91
C TRP D 84 4.26 37.77 -54.33
N ASN D 85 5.13 36.79 -54.53
CA ASN D 85 5.72 36.50 -55.84
C ASN D 85 4.96 35.42 -56.67
N HIS D 86 3.75 35.06 -56.25
CA HIS D 86 2.90 34.08 -56.94
C HIS D 86 3.41 32.64 -56.98
N LYS D 87 4.32 32.31 -56.06
CA LYS D 87 4.67 30.91 -55.83
C LYS D 87 3.58 30.27 -55.00
N HIS D 88 3.11 29.11 -55.43
CA HIS D 88 2.08 28.40 -54.72
C HIS D 88 2.72 27.51 -53.64
N TYR D 89 2.54 27.91 -52.37
CA TYR D 89 2.96 27.11 -51.21
C TYR D 89 1.82 26.18 -50.76
N PRO D 90 2.15 25.13 -50.00
CA PRO D 90 1.12 24.19 -49.49
C PRO D 90 0.19 24.71 -48.38
N PHE D 91 0.45 25.89 -47.83
CA PHE D 91 -0.44 26.52 -46.86
C PHE D 91 -1.20 27.61 -47.60
N ASP D 92 -2.52 27.49 -47.67
CA ASP D 92 -3.32 28.50 -48.39
C ASP D 92 -3.08 29.92 -47.89
N ALA D 93 -2.77 30.07 -46.59
CA ALA D 93 -2.58 31.38 -45.99
C ALA D 93 -1.33 32.13 -46.47
N TRP D 94 -0.37 31.39 -47.04
CA TRP D 94 0.88 31.97 -47.55
C TRP D 94 0.75 32.51 -48.97
N ASN D 95 -0.29 32.07 -49.67
CA ASN D 95 -0.49 32.39 -51.09
C ASN D 95 -1.25 33.68 -51.33
N LYS D 96 -0.72 34.77 -50.77
CA LYS D 96 -1.32 36.09 -50.93
C LYS D 96 -0.40 37.17 -50.43
N GLU D 97 -0.77 38.42 -50.70
CA GLU D 97 -0.10 39.53 -50.08
C GLU D 97 -0.20 39.34 -48.54
N GLN D 98 0.74 39.95 -47.82
CA GLN D 98 0.84 39.87 -46.36
C GLN D 98 1.21 41.23 -45.80
N ASP D 99 0.71 41.51 -44.62
CA ASP D 99 1.29 42.55 -43.80
C ASP D 99 1.85 41.87 -42.55
N LEU D 100 2.48 42.63 -41.68
CA LEU D 100 3.07 42.08 -40.47
C LEU D 100 2.12 41.15 -39.70
N ASN D 101 0.89 41.61 -39.48
CA ASN D 101 -0.09 40.87 -38.69
C ASN D 101 -0.43 39.49 -39.26
N THR D 102 -0.68 39.40 -40.56
CA THR D 102 -1.02 38.10 -41.17
C THR D 102 0.21 37.19 -41.22
N ALA D 103 1.36 37.79 -41.52
CA ALA D 103 2.62 37.04 -41.59
C ALA D 103 2.96 36.39 -40.24
N MET D 104 2.75 37.12 -39.16
CA MET D 104 3.06 36.62 -37.82
C MET D 104 2.08 35.53 -37.38
N GLN D 105 0.79 35.73 -37.64
CA GLN D 105 -0.26 34.82 -37.22
C GLN D 105 -0.13 33.46 -37.87
N ASN D 106 0.20 33.49 -39.15
CA ASN D 106 0.29 32.30 -39.97
C ASN D 106 1.74 31.91 -40.24
N SER D 107 2.68 32.55 -39.53
CA SER D 107 4.08 32.18 -39.57
C SER D 107 4.54 31.92 -41.02
N VAL D 108 4.38 32.96 -41.83
CA VAL D 108 4.65 32.93 -43.26
C VAL D 108 6.14 33.07 -43.48
N ASN D 109 6.84 31.96 -43.69
CA ASN D 109 8.29 31.99 -43.82
C ASN D 109 8.83 33.00 -44.85
N TRP D 110 8.25 33.01 -46.05
CA TRP D 110 8.80 33.85 -47.13
C TRP D 110 8.81 35.32 -46.81
N TYR D 111 7.80 35.79 -46.08
CA TYR D 111 7.73 37.17 -45.62
C TYR D 111 8.94 37.54 -44.78
N PHE D 112 9.24 36.71 -43.78
CA PHE D 112 10.37 37.00 -42.89
C PHE D 112 11.72 36.77 -43.57
N GLU D 113 11.79 35.82 -44.49
CA GLU D 113 13.02 35.62 -45.28
C GLU D 113 13.31 36.86 -46.14
N ARG D 114 12.26 37.46 -46.68
CA ARG D 114 12.40 38.69 -47.47
C ARG D 114 12.88 39.86 -46.62
N ILE D 115 12.40 39.95 -45.37
CA ILE D 115 12.92 40.94 -44.44
C ILE D 115 14.40 40.69 -44.17
N SER D 116 14.73 39.44 -43.91
CA SER D 116 16.08 39.08 -43.51
C SER D 116 17.06 39.39 -44.65
N ASP D 117 16.64 39.11 -45.88
CA ASP D 117 17.46 39.32 -47.08
C ASP D 117 17.90 40.77 -47.25
N GLN D 118 17.24 41.70 -46.56
CA GLN D 118 17.51 43.14 -46.67
C GLN D 118 18.25 43.71 -45.45
N ILE D 119 18.48 42.88 -44.43
CA ILE D 119 19.25 43.28 -43.26
C ILE D 119 20.71 42.90 -43.48
N PRO D 120 21.60 43.88 -43.42
CA PRO D 120 23.04 43.59 -43.41
C PRO D 120 23.47 42.83 -42.18
N LYS D 121 24.33 41.83 -42.35
CA LYS D 121 24.80 40.98 -41.28
C LYS D 121 25.41 41.75 -40.10
N ASN D 122 26.09 42.85 -40.38
CA ASN D 122 26.74 43.61 -39.32
C ASN D 122 25.70 44.27 -38.38
N TYR D 123 24.58 44.70 -38.96
CA TYR D 123 23.46 45.25 -38.17
C TYR D 123 22.86 44.15 -37.28
N THR D 124 22.64 42.96 -37.85
CA THR D 124 22.12 41.84 -37.08
C THR D 124 23.09 41.42 -35.99
N ALA D 125 24.37 41.38 -36.33
CA ALA D 125 25.40 41.06 -35.37
C ALA D 125 25.40 42.04 -34.22
N THR D 126 25.21 43.33 -34.54
CA THR D 126 25.19 44.38 -33.55
C THR D 126 23.97 44.24 -32.64
N GLN D 127 22.84 43.85 -33.22
CA GLN D 127 21.59 43.71 -32.46
C GLN D 127 21.66 42.53 -31.52
N LEU D 128 22.08 41.38 -32.03
CA LEU D 128 22.15 40.20 -31.19
C LEU D 128 23.15 40.41 -30.06
N LYS D 129 24.19 41.21 -30.31
CA LYS D 129 25.17 41.54 -29.28
C LYS D 129 24.54 42.38 -28.17
N GLN D 130 23.81 43.43 -28.55
CA GLN D 130 23.18 44.32 -27.57
C GLN D 130 22.08 43.56 -26.80
N LEU D 131 21.41 42.65 -27.49
CA LEU D 131 20.26 41.93 -26.92
C LEU D 131 20.69 40.72 -26.09
N ASN D 132 21.97 40.37 -26.15
CA ASN D 132 22.48 39.11 -25.60
C ASN D 132 21.67 37.91 -26.08
N TYR D 133 21.47 37.82 -27.39
CA TYR D 133 20.63 36.77 -27.95
C TYR D 133 21.41 35.46 -28.11
N GLY D 134 21.33 34.60 -27.09
CA GLY D 134 21.89 33.26 -27.18
C GLY D 134 23.36 33.19 -27.62
N ASN D 135 23.69 32.26 -28.51
CA ASN D 135 25.07 32.12 -28.99
C ASN D 135 25.44 33.16 -30.05
N LYS D 136 24.49 34.00 -30.44
CA LYS D 136 24.72 35.06 -31.43
C LYS D 136 25.39 34.55 -32.73
N ASN D 137 25.20 33.28 -33.04
CA ASN D 137 25.83 32.61 -34.19
C ASN D 137 24.96 32.69 -35.44
N LEU D 138 25.37 33.56 -36.38
CA LEU D 138 24.65 33.81 -37.63
C LEU D 138 25.01 32.85 -38.74
N GLY D 139 26.07 32.08 -38.55
CA GLY D 139 26.43 31.01 -39.46
C GLY D 139 26.55 31.54 -40.87
N SER D 140 25.95 30.82 -41.83
CA SER D 140 26.00 31.22 -43.22
C SER D 140 25.01 32.34 -43.54
N TYR D 141 24.22 32.75 -42.55
CA TYR D 141 23.33 33.91 -42.66
C TYR D 141 22.25 33.68 -43.73
N LYS D 142 21.73 32.46 -43.76
CA LYS D 142 20.59 32.10 -44.58
C LYS D 142 19.64 31.26 -43.74
N SER D 143 18.47 31.78 -43.43
CA SER D 143 17.51 31.05 -42.58
C SER D 143 18.22 30.49 -41.33
N TYR D 144 19.07 31.32 -40.74
CA TYR D 144 20.00 30.92 -39.68
C TYR D 144 19.31 30.64 -38.34
N TRP D 145 18.06 31.06 -38.24
CA TRP D 145 17.23 30.87 -37.05
C TRP D 145 16.40 29.59 -37.12
N MET D 146 16.44 28.91 -38.28
CA MET D 146 15.61 27.73 -38.51
C MET D 146 16.48 26.48 -38.51
N GLU D 147 16.52 25.84 -37.33
CA GLU D 147 17.33 24.64 -37.10
C GLU D 147 18.72 24.74 -37.75
N ASP D 148 19.46 25.78 -37.40
CA ASP D 148 20.76 26.05 -38.01
C ASP D 148 21.71 26.63 -36.96
N SER D 149 22.37 27.74 -37.23
CA SER D 149 23.48 28.19 -36.39
C SER D 149 23.02 28.83 -35.08
N LEU D 150 22.00 29.66 -35.16
CA LEU D 150 21.52 30.44 -34.01
C LEU D 150 20.79 29.59 -32.96
N LYS D 151 21.16 29.79 -31.69
CA LYS D 151 20.61 29.00 -30.60
C LYS D 151 20.44 29.86 -29.37
N ILE D 152 19.39 29.59 -28.61
CA ILE D 152 19.03 30.40 -27.45
C ILE D 152 18.30 29.51 -26.43
N SER D 153 18.47 29.80 -25.14
CA SER D 153 17.83 28.97 -24.12
C SER D 153 16.46 29.55 -23.76
N ASN D 154 15.65 28.72 -23.13
CA ASN D 154 14.30 29.07 -22.71
C ASN D 154 14.34 30.24 -21.72
N LEU D 155 15.30 30.22 -20.79
CA LEU D 155 15.48 31.34 -19.86
C LEU D 155 15.85 32.63 -20.59
N GLU D 156 16.79 32.52 -21.53
CA GLU D 156 17.16 33.66 -22.36
C GLU D 156 16.00 34.21 -23.17
N GLN D 157 15.13 33.32 -23.65
CA GLN D 157 14.01 33.80 -24.47
C GLN D 157 13.17 34.81 -23.69
N VAL D 158 12.99 34.53 -22.39
CA VAL D 158 12.26 35.42 -21.48
C VAL D 158 13.08 36.66 -21.15
N ILE D 159 14.33 36.51 -20.75
CA ILE D 159 15.16 37.67 -20.44
C ILE D 159 15.27 38.63 -21.62
N VAL D 160 15.65 38.10 -22.77
CA VAL D 160 15.94 38.88 -23.97
C VAL D 160 14.68 39.60 -24.49
N PHE D 161 13.53 38.92 -24.49
CA PHE D 161 12.29 39.55 -24.93
C PHE D 161 11.90 40.67 -24.01
N LYS D 162 11.97 40.41 -22.71
CA LYS D 162 11.62 41.39 -21.71
C LYS D 162 12.51 42.63 -21.84
N ASN D 163 13.83 42.42 -21.92
CA ASN D 163 14.78 43.52 -22.08
C ASN D 163 14.58 44.34 -23.36
N MET D 164 14.25 43.67 -24.47
CA MET D 164 14.01 44.37 -25.73
C MET D 164 12.79 45.29 -25.61
N MET D 165 11.71 44.76 -25.05
CA MET D 165 10.45 45.47 -24.97
C MET D 165 10.40 46.50 -23.86
N GLU D 166 11.09 46.24 -22.75
CA GLU D 166 11.01 47.06 -21.54
C GLU D 166 12.22 47.97 -21.37
N ASN D 169 16.87 52.28 -24.63
CA ASN D 169 16.73 51.26 -25.66
C ASN D 169 16.46 51.91 -27.02
N HIS D 170 17.21 51.53 -28.05
CA HIS D 170 17.13 52.23 -29.34
C HIS D 170 15.95 51.79 -30.19
N PHE D 171 15.31 50.69 -29.82
CA PHE D 171 14.04 50.35 -30.45
C PHE D 171 12.98 51.34 -29.98
N SER D 172 12.20 51.85 -30.93
CA SER D 172 11.30 52.95 -30.68
C SER D 172 10.01 52.44 -30.06
N LYS D 173 9.30 53.34 -29.39
CA LYS D 173 8.00 52.99 -28.85
C LYS D 173 7.04 52.52 -29.95
N LYS D 174 7.08 53.17 -31.12
CA LYS D 174 6.12 52.83 -32.18
C LYS D 174 6.38 51.44 -32.80
N ALA D 175 7.64 51.04 -32.85
CA ALA D 175 8.01 49.71 -33.35
C ALA D 175 7.55 48.65 -32.37
N LYS D 176 7.81 48.88 -31.08
CA LYS D 176 7.34 47.99 -30.01
C LYS D 176 5.83 47.78 -30.12
N ASN D 177 5.06 48.87 -30.25
CA ASN D 177 3.60 48.78 -30.32
C ASN D 177 3.11 48.00 -31.53
N GLN D 178 3.76 48.20 -32.68
CA GLN D 178 3.41 47.49 -33.90
C GLN D 178 3.74 45.99 -33.78
N LEU D 179 4.87 45.68 -33.16
CA LEU D 179 5.28 44.29 -32.97
C LEU D 179 4.26 43.61 -32.07
N SER D 180 3.98 44.22 -30.93
CA SER D 180 2.97 43.67 -30.01
C SER D 180 1.64 43.41 -30.71
N SER D 181 1.19 44.31 -31.57
CA SER D 181 -0.09 44.11 -32.24
C SER D 181 -0.09 42.85 -33.08
N SER D 182 1.04 42.55 -33.71
CA SER D 182 1.17 41.36 -34.52
C SER D 182 1.18 40.06 -33.70
N LEU D 183 1.51 40.15 -32.40
CA LEU D 183 1.63 38.98 -31.54
C LEU D 183 0.41 38.69 -30.69
N LEU D 184 -0.62 39.53 -30.78
CA LEU D 184 -1.79 39.35 -29.91
C LEU D 184 -2.52 38.08 -30.26
N ILE D 185 -2.68 37.20 -29.29
CA ILE D 185 -3.37 35.95 -29.50
C ILE D 185 -4.76 35.92 -28.86
N LYS D 186 -4.86 36.41 -27.63
CA LYS D 186 -6.11 36.38 -26.89
C LYS D 186 -6.30 37.66 -26.10
N LYS D 187 -7.53 38.14 -26.03
CA LYS D 187 -7.87 39.28 -25.21
C LYS D 187 -9.24 39.02 -24.63
N ASN D 188 -9.34 39.12 -23.33
CA ASN D 188 -10.64 39.17 -22.70
C ASN D 188 -10.62 40.27 -21.66
N GLU D 189 -11.63 40.30 -20.79
CA GLU D 189 -11.72 41.36 -19.78
C GLU D 189 -10.60 41.29 -18.74
N LYS D 190 -10.02 40.10 -18.54
CA LYS D 190 -9.00 39.89 -17.50
C LYS D 190 -7.56 39.97 -18.01
N TYR D 191 -7.33 39.63 -19.27
CA TYR D 191 -5.94 39.65 -19.77
C TYR D 191 -5.79 39.83 -21.27
N GLU D 192 -4.58 40.19 -21.69
CA GLU D 192 -4.19 40.16 -23.09
C GLU D 192 -2.95 39.29 -23.18
N LEU D 193 -3.02 38.26 -24.00
CA LEU D 193 -1.96 37.28 -24.14
C LEU D 193 -1.35 37.46 -25.54
N TYR D 194 -0.03 37.61 -25.58
CA TYR D 194 0.76 37.81 -26.80
C TYR D 194 1.75 36.65 -26.91
N GLY D 195 2.11 36.25 -28.11
CA GLY D 195 3.17 35.25 -28.21
C GLY D 195 3.40 34.72 -29.60
N LYS D 196 4.39 33.86 -29.71
CA LYS D 196 4.77 33.30 -30.98
C LYS D 196 5.23 31.88 -30.79
N THR D 197 4.70 30.97 -31.64
CA THR D 197 5.12 29.58 -31.69
C THR D 197 6.35 29.36 -32.55
N GLY D 198 7.01 28.24 -32.30
CA GLY D 198 8.14 27.78 -33.07
C GLY D 198 8.13 26.26 -33.01
N THR D 199 8.45 25.62 -34.13
CA THR D 199 8.48 24.16 -34.24
C THR D 199 9.67 23.79 -35.09
N GLY D 200 10.45 22.85 -34.60
CA GLY D 200 11.56 22.27 -35.33
C GLY D 200 11.19 20.84 -35.65
N ILE D 201 11.34 20.47 -36.91
CA ILE D 201 11.06 19.11 -37.38
C ILE D 201 12.37 18.56 -37.90
N VAL D 202 12.83 17.46 -37.30
CA VAL D 202 14.02 16.74 -37.75
C VAL D 202 13.61 15.31 -38.15
N ASN D 203 13.90 14.95 -39.40
CA ASN D 203 13.61 13.61 -39.91
C ASN D 203 12.14 13.22 -39.78
N GLY D 204 11.26 14.19 -40.04
CA GLY D 204 9.82 13.96 -40.04
C GLY D 204 9.15 14.08 -38.68
N LYS D 205 9.93 14.13 -37.61
CA LYS D 205 9.39 14.17 -36.24
C LYS D 205 9.60 15.54 -35.58
N TYR D 206 8.64 15.98 -34.78
CA TYR D 206 8.81 17.16 -33.92
C TYR D 206 9.98 16.92 -32.97
N ASN D 207 10.93 17.86 -32.86
CA ASN D 207 11.96 17.73 -31.81
C ASN D 207 12.36 19.03 -31.10
N ASN D 208 11.53 20.07 -31.23
CA ASN D 208 11.90 21.39 -30.73
C ASN D 208 10.69 22.30 -30.80
N GLY D 209 9.96 22.45 -29.69
CA GLY D 209 8.76 23.28 -29.66
C GLY D 209 8.93 24.49 -28.76
N TRP D 210 8.37 25.61 -29.19
CA TRP D 210 8.49 26.84 -28.43
C TRP D 210 7.16 27.54 -28.40
N PHE D 211 6.90 28.23 -27.30
CA PHE D 211 5.91 29.30 -27.29
C PHE D 211 6.50 30.37 -26.39
N VAL D 212 6.70 31.57 -26.96
CA VAL D 212 7.33 32.68 -26.27
C VAL D 212 6.41 33.88 -26.31
N GLY D 213 6.14 34.49 -25.16
CA GLY D 213 5.19 35.57 -25.11
C GLY D 213 5.18 36.40 -23.86
N TYR D 214 4.11 37.18 -23.74
CA TYR D 214 3.85 37.92 -22.52
C TYR D 214 2.36 38.12 -22.36
N VAL D 215 1.95 38.43 -21.13
CA VAL D 215 0.56 38.63 -20.80
C VAL D 215 0.42 39.85 -19.93
N ILE D 216 -0.55 40.68 -20.26
CA ILE D 216 -0.87 41.87 -19.49
C ILE D 216 -2.16 41.58 -18.78
N THR D 217 -2.14 41.61 -17.46
CA THR D 217 -3.35 41.51 -16.68
C THR D 217 -3.65 42.87 -16.09
N ASN D 218 -4.74 42.92 -15.33
CA ASN D 218 -5.11 44.14 -14.62
C ASN D 218 -4.11 44.51 -13.49
N HIS D 219 -3.26 43.58 -13.06
CA HIS D 219 -2.36 43.83 -11.91
C HIS D 219 -0.85 43.66 -12.17
N ASP D 220 -0.47 43.23 -13.37
CA ASP D 220 0.95 42.97 -13.64
C ASP D 220 1.14 42.60 -15.09
N LYS D 221 2.40 42.53 -15.53
CA LYS D 221 2.75 42.02 -16.86
C LYS D 221 3.80 40.93 -16.68
N TYR D 222 3.62 39.81 -17.36
CA TYR D 222 4.50 38.68 -17.23
C TYR D 222 5.08 38.31 -18.59
N TYR D 223 6.38 38.05 -18.64
CA TYR D 223 7.00 37.45 -19.82
C TYR D 223 7.17 36.00 -19.52
N PHE D 224 7.06 35.15 -20.54
CA PHE D 224 7.10 33.72 -20.30
C PHE D 224 7.52 32.96 -21.55
N ALA D 225 7.97 31.73 -21.37
CA ALA D 225 8.30 30.87 -22.49
C ALA D 225 8.24 29.42 -22.06
N THR D 226 7.70 28.59 -22.93
CA THR D 226 7.82 27.14 -22.81
C THR D 226 8.66 26.59 -23.94
N HIS D 227 9.60 25.71 -23.61
CA HIS D 227 10.30 24.94 -24.62
C HIS D 227 10.06 23.47 -24.40
N LEU D 228 9.77 22.74 -25.47
CA LEU D 228 9.62 21.29 -25.40
C LEU D 228 10.70 20.63 -26.25
N SER D 229 11.31 19.58 -25.69
CA SER D 229 12.40 18.86 -26.36
C SER D 229 12.03 17.39 -26.66
N ASP D 230 11.13 16.83 -25.85
CA ASP D 230 10.74 15.42 -25.96
C ASP D 230 9.21 15.28 -25.79
N GLY D 231 8.64 14.17 -26.27
CA GLY D 231 7.21 13.89 -26.21
C GLY D 231 6.46 14.21 -27.50
N LYS D 232 5.76 15.34 -27.47
CA LYS D 232 5.13 15.92 -28.64
C LYS D 232 5.57 17.39 -28.68
N PRO D 233 6.85 17.63 -28.98
CA PRO D 233 7.47 18.96 -28.85
C PRO D 233 7.22 19.90 -30.04
N SER D 234 5.96 20.26 -30.23
CA SER D 234 5.54 21.23 -31.22
C SER D 234 5.27 22.56 -30.54
N GLY D 235 5.27 23.61 -31.33
CA GLY D 235 4.93 24.95 -30.85
C GLY D 235 3.51 24.98 -30.37
N LYS D 236 2.62 24.32 -31.11
CA LYS D 236 1.23 24.18 -30.73
C LYS D 236 1.08 23.61 -29.31
N ASN D 237 1.79 22.53 -29.02
CA ASN D 237 1.79 21.93 -27.69
C ASN D 237 2.44 22.83 -26.64
N ALA D 238 3.47 23.56 -27.02
CA ALA D 238 4.16 24.45 -26.10
C ALA D 238 3.22 25.56 -25.70
N GLU D 239 2.36 25.98 -26.64
CA GLU D 239 1.40 27.04 -26.38
C GLU D 239 0.35 26.52 -25.40
N LEU D 240 -0.15 25.31 -25.64
CA LEU D 240 -1.17 24.73 -24.80
C LEU D 240 -0.65 24.62 -23.37
N ILE D 241 0.57 24.10 -23.22
CA ILE D 241 1.17 23.92 -21.90
C ILE D 241 1.35 25.26 -21.20
N SER D 242 1.81 26.27 -21.94
CA SER D 242 1.97 27.61 -21.38
C SER D 242 0.66 28.14 -20.82
N GLU D 243 -0.37 28.06 -21.62
CA GLU D 243 -1.68 28.58 -21.23
C GLU D 243 -2.22 27.82 -20.04
N LYS D 244 -2.01 26.49 -20.00
CA LYS D 244 -2.44 25.68 -18.85
C LYS D 244 -1.71 26.05 -17.55
N ILE D 245 -0.39 26.28 -17.64
CA ILE D 245 0.40 26.69 -16.48
C ILE D 245 0.01 28.09 -16.02
N LEU D 246 -0.18 29.01 -16.95
CA LEU D 246 -0.51 30.38 -16.59
C LEU D 246 -1.86 30.41 -15.88
N LYS D 247 -2.82 29.64 -16.37
CA LYS D 247 -4.14 29.59 -15.75
C LYS D 247 -4.04 29.04 -14.33
N GLU D 248 -3.30 27.95 -14.20
CA GLU D 248 -3.11 27.25 -12.93
C GLU D 248 -2.45 28.15 -11.88
N MET D 249 -1.54 29.01 -12.34
CA MET D 249 -0.79 29.89 -11.45
C MET D 249 -1.59 31.14 -11.10
N GLY D 250 -2.76 31.32 -11.71
CA GLY D 250 -3.62 32.46 -11.43
C GLY D 250 -3.39 33.69 -12.29
N VAL D 251 -2.49 33.59 -13.27
CA VAL D 251 -2.21 34.70 -14.18
C VAL D 251 -3.33 34.93 -15.20
N LEU D 252 -3.88 33.84 -15.75
CA LEU D 252 -4.95 33.92 -16.73
C LEU D 252 -6.28 33.54 -16.07
P PO4 E . -37.52 -43.75 -28.64
O1 PO4 E . -37.79 -42.61 -27.68
O2 PO4 E . -36.32 -43.40 -29.49
O3 PO4 E . -38.74 -43.99 -29.50
O4 PO4 E . -37.19 -45.01 -27.85
P PO4 F . -20.73 -37.32 -29.58
O1 PO4 F . -19.59 -36.81 -28.73
O2 PO4 F . -21.93 -36.43 -29.35
O3 PO4 F . -21.10 -38.73 -29.19
O4 PO4 F . -20.36 -37.32 -31.05
P1 POP G . -35.07 -40.87 -14.90
O1 POP G . -34.18 -40.76 -13.70
O2 POP G . -36.11 -39.74 -15.13
O3 POP G . -35.87 -42.14 -14.59
O POP G . -34.36 -41.34 -16.24
P2 POP G . -33.30 -40.87 -17.34
O4 POP G . -34.09 -40.68 -18.59
O5 POP G . -32.41 -39.67 -17.04
O6 POP G . -32.38 -42.07 -17.59
P PO4 H . 30.32 36.79 27.78
O1 PO4 H . 31.37 37.87 27.75
O2 PO4 H . 29.05 37.36 27.22
O3 PO4 H . 30.11 36.32 29.19
O4 PO4 H . 30.75 35.59 26.98
P1 POP I . 27.69 25.20 29.97
O1 POP I . 28.39 26.27 29.22
O2 POP I . 26.78 24.35 29.06
O3 POP I . 26.77 25.94 30.96
O POP I . 28.77 24.34 30.79
P2 POP I . 29.65 23.05 30.43
O4 POP I . 30.71 23.20 31.46
O5 POP I . 28.92 21.74 30.73
O6 POP I . 30.33 23.01 29.06
P1 POP J . -4.42 -15.68 30.13
O1 POP J . -3.30 -14.69 30.17
O2 POP J . -4.99 -15.76 28.72
O3 POP J . -5.55 -15.06 31.01
O POP J . -3.89 -17.03 30.87
P2 POP J . -3.52 -18.57 30.49
O4 POP J . -4.69 -19.36 29.95
O5 POP J . -2.16 -18.71 29.73
O6 POP J . -3.28 -19.28 31.85
P1 POP K . 5.52 27.23 -36.19
O1 POP K . 4.98 28.62 -36.22
O2 POP K . 5.00 26.37 -37.36
O3 POP K . 5.24 26.59 -34.81
O POP K . 7.10 27.35 -36.25
P2 POP K . 8.14 26.95 -37.37
O4 POP K . 9.37 27.30 -36.66
O5 POP K . 8.16 25.45 -37.73
O6 POP K . 8.02 27.79 -38.65
#